data_1ROR
#
_entry.id   1ROR
#
_cell.length_a   105.111
_cell.length_b   159.861
_cell.length_c   109.053
_cell.angle_alpha   90.00
_cell.angle_beta   90.00
_cell.angle_gamma   90.00
#
_symmetry.space_group_name_H-M   'C 2 2 21'
#
loop_
_entity.id
_entity.type
_entity.pdbx_description
1 polymer "cAMP-specific 3',5'-cyclic phosphodiesterase 4B"
2 non-polymer 'ZINC ION'
3 non-polymer 'ADENOSINE MONOPHOSPHATE'
4 water water
#
_entity_poly.entity_id   1
_entity_poly.type   'polypeptide(L)'
_entity_poly.pdbx_seq_one_letter_code
;MSISRFGVNTENEDHLAKELEDLNKWGLNIFNVAGYSHNRPLTCIMYAIFQERDLLKTFRISSDTFITYMMTLEDHYHSD
VAYHNSLHAADVAQSTHVLLSTPALDAVFTDLEILAAIFAAAIHDVDHPGVSNQFLINTNSELALMYNDESVLENHHLAV
GFKLLQEEHCDIFMNLTKKQRQTLRKMVIDMVLATDMSKHMSLLADLKTMVETKKVTSSGVLLLDNYTDRIQVLRNMVHC
ADLSNPTKSLELYRQWTDRIMEEFFQQGDKERERGMEISPMCDKHTASVEKSQVGFIDYIVHPLWETWADLVQPDAQDIL
DTLEDNRNWYQSMIPQAPAPPLDEQNRDCQGLMEKFQFELTLDEEDSEGPEKEGEGHS
;
_entity_poly.pdbx_strand_id   A,B
#
loop_
_chem_comp.id
_chem_comp.type
_chem_comp.name
_chem_comp.formula
AMP non-polymer 'ADENOSINE MONOPHOSPHATE' 'C10 H14 N5 O7 P'
ZN non-polymer 'ZINC ION' 'Zn 2'
#
# COMPACT_ATOMS: atom_id res chain seq x y z
N SER A 2 4.55 -27.77 17.08
CA SER A 2 5.88 -27.11 17.02
C SER A 2 6.32 -26.90 15.58
N ILE A 3 7.43 -26.21 15.42
CA ILE A 3 7.97 -25.92 14.10
C ILE A 3 8.34 -27.22 13.37
N SER A 4 8.66 -28.26 14.14
CA SER A 4 9.04 -29.54 13.53
C SER A 4 7.84 -30.28 12.96
N ARG A 5 6.67 -30.10 13.56
CA ARG A 5 5.45 -30.74 13.05
C ARG A 5 5.15 -30.12 11.68
N PHE A 6 5.56 -28.87 11.50
CA PHE A 6 5.36 -28.14 10.25
C PHE A 6 6.43 -28.46 9.21
N GLY A 7 7.50 -29.12 9.65
CA GLY A 7 8.58 -29.46 8.74
C GLY A 7 9.27 -28.24 8.16
N VAL A 8 9.24 -27.12 8.88
CA VAL A 8 9.84 -25.88 8.40
C VAL A 8 11.24 -25.64 9.00
N ASN A 9 12.21 -25.28 8.16
CA ASN A 9 13.56 -25.01 8.65
C ASN A 9 13.66 -23.55 9.12
N THR A 10 14.77 -23.19 9.75
CA THR A 10 14.93 -21.83 10.27
C THR A 10 14.85 -20.73 9.19
N GLU A 11 15.33 -21.03 7.99
CA GLU A 11 15.30 -20.05 6.91
C GLU A 11 13.86 -19.69 6.55
N ASN A 12 12.98 -20.68 6.44
CA ASN A 12 11.60 -20.40 6.10
C ASN A 12 10.83 -19.96 7.33
N GLU A 13 11.32 -20.34 8.51
CA GLU A 13 10.70 -19.92 9.75
C GLU A 13 10.93 -18.41 9.86
N ASP A 14 12.09 -17.95 9.40
CA ASP A 14 12.40 -16.52 9.45
C ASP A 14 11.53 -15.77 8.44
N HIS A 15 11.30 -16.35 7.27
CA HIS A 15 10.44 -15.70 6.27
C HIS A 15 9.02 -15.62 6.84
N LEU A 16 8.57 -16.71 7.44
CA LEU A 16 7.25 -16.77 8.03
C LEU A 16 7.07 -15.71 9.10
N ALA A 17 8.11 -15.50 9.89
CA ALA A 17 8.05 -14.50 10.96
C ALA A 17 7.80 -13.13 10.35
N LYS A 18 8.45 -12.84 9.24
CA LYS A 18 8.26 -11.56 8.56
C LYS A 18 6.80 -11.43 8.12
N GLU A 19 6.27 -12.49 7.51
CA GLU A 19 4.88 -12.47 7.03
C GLU A 19 3.88 -12.33 8.18
N LEU A 20 4.11 -13.04 9.27
CA LEU A 20 3.20 -13.02 10.41
C LEU A 20 3.18 -11.71 11.20
N GLU A 21 3.99 -10.74 10.79
CA GLU A 21 3.99 -9.45 11.46
C GLU A 21 2.63 -8.81 11.18
N ASP A 22 1.99 -9.27 10.09
CA ASP A 22 0.69 -8.74 9.69
C ASP A 22 -0.47 -9.62 10.15
N LEU A 23 -0.22 -10.49 11.11
CA LEU A 23 -1.27 -11.40 11.60
C LEU A 23 -2.59 -10.71 11.93
N ASN A 24 -2.52 -9.56 12.60
CA ASN A 24 -3.74 -8.86 12.99
C ASN A 24 -4.17 -7.79 11.98
N LYS A 25 -3.59 -7.82 10.79
CA LYS A 25 -3.91 -6.83 9.76
C LYS A 25 -4.63 -7.42 8.54
N TRP A 26 -5.45 -6.59 7.90
CA TRP A 26 -6.22 -6.96 6.72
C TRP A 26 -5.27 -7.21 5.54
N GLY A 27 -4.10 -6.60 5.62
CA GLY A 27 -3.10 -6.74 4.56
C GLY A 27 -2.21 -7.97 4.62
N LEU A 28 -2.47 -8.88 5.55
CA LEU A 28 -1.65 -10.09 5.63
C LEU A 28 -1.74 -10.80 4.28
N ASN A 29 -0.63 -11.38 3.82
CA ASN A 29 -0.62 -12.10 2.56
C ASN A 29 -0.58 -13.59 2.85
N ILE A 30 -1.73 -14.24 2.81
CA ILE A 30 -1.83 -15.66 3.12
C ILE A 30 -1.19 -16.56 2.05
N PHE A 31 -1.00 -16.02 0.84
CA PHE A 31 -0.37 -16.78 -0.23
C PHE A 31 1.10 -16.98 0.13
N ASN A 32 1.72 -15.94 0.68
CA ASN A 32 3.11 -16.04 1.08
C ASN A 32 3.24 -17.00 2.26
N VAL A 33 2.25 -16.98 3.15
CA VAL A 33 2.23 -17.86 4.31
C VAL A 33 2.22 -19.34 3.86
N ALA A 34 1.41 -19.65 2.87
CA ALA A 34 1.32 -21.00 2.35
C ALA A 34 2.68 -21.40 1.76
N GLY A 35 3.29 -20.48 1.04
CA GLY A 35 4.58 -20.74 0.42
C GLY A 35 5.73 -21.04 1.36
N TYR A 36 5.66 -20.54 2.59
CA TYR A 36 6.72 -20.77 3.57
C TYR A 36 6.38 -21.84 4.60
N SER A 37 5.19 -22.43 4.49
CA SER A 37 4.78 -23.45 5.45
C SER A 37 4.44 -24.80 4.82
N HIS A 38 5.10 -25.12 3.71
CA HIS A 38 4.86 -26.38 2.98
C HIS A 38 3.39 -26.52 2.67
N ASN A 39 2.81 -25.41 2.25
CA ASN A 39 1.41 -25.32 1.89
C ASN A 39 0.42 -25.82 2.93
N ARG A 40 0.67 -25.45 4.19
CA ARG A 40 -0.25 -25.77 5.28
C ARG A 40 -0.66 -24.42 5.88
N PRO A 41 -1.19 -23.51 5.04
CA PRO A 41 -1.61 -22.19 5.51
C PRO A 41 -2.69 -22.16 6.58
N LEU A 42 -3.67 -23.06 6.52
CA LEU A 42 -4.73 -23.08 7.53
C LEU A 42 -4.19 -23.46 8.91
N THR A 43 -3.37 -24.51 8.97
CA THR A 43 -2.82 -24.92 10.26
C THR A 43 -1.88 -23.86 10.83
N CYS A 44 -1.03 -23.31 9.96
CA CYS A 44 -0.08 -22.28 10.37
C CYS A 44 -0.79 -21.04 10.89
N ILE A 45 -1.71 -20.51 10.09
CA ILE A 45 -2.41 -19.30 10.51
C ILE A 45 -3.27 -19.54 11.75
N MET A 46 -3.91 -20.69 11.82
CA MET A 46 -4.73 -21.02 12.98
C MET A 46 -3.90 -21.16 14.24
N TYR A 47 -2.69 -21.71 14.10
CA TYR A 47 -1.83 -21.86 15.26
C TYR A 47 -1.39 -20.45 15.69
N ALA A 48 -1.05 -19.61 14.72
CA ALA A 48 -0.62 -18.24 15.05
C ALA A 48 -1.75 -17.50 15.76
N ILE A 49 -2.96 -17.61 15.23
CA ILE A 49 -4.13 -16.97 15.79
C ILE A 49 -4.43 -17.43 17.22
N PHE A 50 -4.41 -18.74 17.44
CA PHE A 50 -4.68 -19.26 18.77
C PHE A 50 -3.61 -18.85 19.78
N GLN A 51 -2.35 -18.72 19.33
CA GLN A 51 -1.27 -18.29 20.21
C GLN A 51 -1.49 -16.82 20.56
N GLU A 52 -1.82 -16.04 19.56
CA GLU A 52 -2.06 -14.60 19.70
C GLU A 52 -3.20 -14.29 20.68
N ARG A 53 -4.24 -15.12 20.68
CA ARG A 53 -5.40 -14.92 21.55
C ARG A 53 -5.39 -15.79 22.81
N ASP A 54 -4.28 -16.45 23.06
CA ASP A 54 -4.12 -17.35 24.21
C ASP A 54 -5.28 -18.34 24.35
N LEU A 55 -5.87 -18.72 23.22
CA LEU A 55 -6.98 -19.65 23.24
C LEU A 55 -6.56 -21.06 23.67
N LEU A 56 -5.32 -21.46 23.41
CA LEU A 56 -4.87 -22.79 23.81
C LEU A 56 -4.81 -22.86 25.34
N LYS A 57 -4.32 -21.79 25.94
CA LYS A 57 -4.23 -21.72 27.40
C LYS A 57 -5.63 -21.67 28.01
N THR A 58 -6.49 -20.81 27.47
CA THR A 58 -7.84 -20.66 28.00
C THR A 58 -8.70 -21.93 27.97
N PHE A 59 -8.67 -22.66 26.85
CA PHE A 59 -9.50 -23.85 26.76
C PHE A 59 -8.77 -25.16 26.98
N ARG A 60 -7.54 -25.04 27.48
CA ARG A 60 -6.70 -26.19 27.79
C ARG A 60 -6.52 -27.13 26.61
N ILE A 61 -6.09 -26.58 25.49
CA ILE A 61 -5.84 -27.36 24.29
C ILE A 61 -4.33 -27.40 24.15
N SER A 62 -3.76 -28.59 24.18
CA SER A 62 -2.30 -28.71 24.04
C SER A 62 -1.95 -28.48 22.58
N SER A 63 -0.72 -28.05 22.32
CA SER A 63 -0.27 -27.80 20.96
C SER A 63 -0.34 -29.10 20.16
N ASP A 64 -0.10 -30.21 20.84
CA ASP A 64 -0.14 -31.52 20.19
C ASP A 64 -1.53 -31.81 19.63
N THR A 65 -2.54 -31.74 20.47
CA THR A 65 -3.90 -32.00 20.02
C THR A 65 -4.34 -30.98 18.95
N PHE A 66 -4.02 -29.71 19.16
CA PHE A 66 -4.41 -28.68 18.20
C PHE A 66 -3.81 -28.90 16.82
N ILE A 67 -2.50 -29.06 16.75
CA ILE A 67 -1.84 -29.28 15.47
C ILE A 67 -2.31 -30.58 14.82
N THR A 68 -2.50 -31.64 15.60
CA THR A 68 -2.95 -32.90 15.02
C THR A 68 -4.33 -32.71 14.38
N TYR A 69 -5.24 -32.07 15.09
CA TYR A 69 -6.57 -31.84 14.54
C TYR A 69 -6.50 -30.94 13.31
N MET A 70 -5.82 -29.80 13.43
CA MET A 70 -5.72 -28.85 12.32
C MET A 70 -5.08 -29.46 11.06
N MET A 71 -4.02 -30.24 11.25
CA MET A 71 -3.36 -30.87 10.10
C MET A 71 -4.30 -31.89 9.45
N THR A 72 -5.15 -32.50 10.27
CA THR A 72 -6.10 -33.48 9.78
C THR A 72 -7.24 -32.77 9.03
N LEU A 73 -7.72 -31.68 9.61
CA LEU A 73 -8.78 -30.90 8.98
C LEU A 73 -8.30 -30.33 7.64
N GLU A 74 -7.12 -29.75 7.64
CA GLU A 74 -6.55 -29.15 6.44
C GLU A 74 -6.40 -30.16 5.31
N ASP A 75 -6.07 -31.40 5.69
CA ASP A 75 -5.90 -32.44 4.70
C ASP A 75 -7.23 -32.87 4.10
N HIS A 76 -8.34 -32.46 4.73
CA HIS A 76 -9.63 -32.79 4.18
C HIS A 76 -10.18 -31.71 3.26
N TYR A 77 -9.38 -30.66 3.03
CA TYR A 77 -9.73 -29.64 2.07
C TYR A 77 -9.03 -30.20 0.82
N HIS A 78 -9.64 -30.07 -0.35
CA HIS A 78 -9.06 -30.60 -1.58
C HIS A 78 -8.09 -29.63 -2.26
N SER A 79 -6.81 -29.98 -2.26
CA SER A 79 -5.81 -29.10 -2.84
C SER A 79 -5.95 -28.94 -4.35
N ASP A 80 -6.76 -29.78 -4.99
CA ASP A 80 -6.95 -29.68 -6.44
C ASP A 80 -8.16 -28.80 -6.80
N VAL A 81 -8.92 -28.39 -5.80
CA VAL A 81 -10.05 -27.50 -6.05
C VAL A 81 -9.40 -26.10 -6.03
N ALA A 82 -9.52 -25.37 -7.14
CA ALA A 82 -8.89 -24.06 -7.29
C ALA A 82 -9.20 -22.98 -6.26
N TYR A 83 -10.44 -22.87 -5.81
CA TYR A 83 -10.80 -21.83 -4.83
C TYR A 83 -11.14 -22.36 -3.43
N HIS A 84 -12.10 -23.28 -3.35
CA HIS A 84 -12.51 -23.79 -2.04
C HIS A 84 -11.53 -24.80 -1.42
N ASN A 85 -10.30 -24.37 -1.22
CA ASN A 85 -9.27 -25.21 -0.62
C ASN A 85 -8.84 -24.63 0.73
N SER A 86 -7.80 -25.19 1.34
CA SER A 86 -7.38 -24.73 2.66
C SER A 86 -6.80 -23.33 2.67
N LEU A 87 -6.39 -22.83 1.51
CA LEU A 87 -5.85 -21.48 1.42
C LEU A 87 -6.99 -20.49 1.63
N HIS A 88 -8.17 -20.80 1.09
CA HIS A 88 -9.35 -19.95 1.25
C HIS A 88 -9.83 -20.02 2.71
N ALA A 89 -9.81 -21.22 3.31
CA ALA A 89 -10.24 -21.35 4.69
C ALA A 89 -9.31 -20.57 5.62
N ALA A 90 -8.01 -20.59 5.32
CA ALA A 90 -7.03 -19.88 6.13
C ALA A 90 -7.30 -18.37 6.06
N ASP A 91 -7.59 -17.90 4.85
CA ASP A 91 -7.88 -16.49 4.59
C ASP A 91 -9.11 -16.09 5.42
N VAL A 92 -10.17 -16.89 5.34
CA VAL A 92 -11.39 -16.60 6.07
C VAL A 92 -11.18 -16.62 7.58
N ALA A 93 -10.36 -17.55 8.07
CA ALA A 93 -10.12 -17.62 9.50
C ALA A 93 -9.34 -16.38 9.97
N GLN A 94 -8.33 -15.99 9.20
CA GLN A 94 -7.51 -14.83 9.52
C GLN A 94 -8.34 -13.53 9.41
N SER A 95 -9.23 -13.47 8.44
CA SER A 95 -10.08 -12.30 8.26
C SER A 95 -11.04 -12.17 9.44
N THR A 96 -11.59 -13.31 9.87
CA THR A 96 -12.50 -13.33 11.00
C THR A 96 -11.74 -12.89 12.26
N HIS A 97 -10.48 -13.30 12.35
CA HIS A 97 -9.63 -12.95 13.48
C HIS A 97 -9.47 -11.43 13.57
N VAL A 98 -9.31 -10.78 12.42
CA VAL A 98 -9.15 -9.33 12.40
C VAL A 98 -10.48 -8.64 12.74
N LEU A 99 -11.57 -9.11 12.13
CA LEU A 99 -12.88 -8.51 12.40
C LEU A 99 -13.28 -8.60 13.87
N LEU A 100 -12.90 -9.69 14.53
CA LEU A 100 -13.23 -9.85 15.94
C LEU A 100 -12.54 -8.79 16.81
N SER A 101 -11.48 -8.19 16.30
CA SER A 101 -10.74 -7.18 17.05
C SER A 101 -11.10 -5.74 16.67
N THR A 102 -12.18 -5.57 15.92
CA THR A 102 -12.59 -4.24 15.50
C THR A 102 -12.98 -3.42 16.76
N PRO A 103 -12.50 -2.17 16.85
CA PRO A 103 -12.79 -1.29 17.99
C PRO A 103 -14.25 -1.32 18.46
N ALA A 104 -15.18 -1.15 17.53
CA ALA A 104 -16.60 -1.14 17.85
C ALA A 104 -17.11 -2.38 18.59
N LEU A 105 -16.35 -3.47 18.54
CA LEU A 105 -16.78 -4.71 19.20
C LEU A 105 -15.91 -5.12 20.39
N ASP A 106 -15.03 -4.22 20.82
CA ASP A 106 -14.15 -4.50 21.94
C ASP A 106 -14.94 -4.97 23.17
N ALA A 107 -14.44 -6.02 23.80
CA ALA A 107 -15.03 -6.61 25.00
C ALA A 107 -16.48 -7.10 24.88
N VAL A 108 -16.99 -7.18 23.66
CA VAL A 108 -18.37 -7.63 23.47
C VAL A 108 -18.56 -9.15 23.55
N PHE A 109 -17.64 -9.91 22.97
CA PHE A 109 -17.76 -11.38 22.94
C PHE A 109 -16.96 -12.13 24.00
N THR A 110 -17.49 -13.27 24.42
CA THR A 110 -16.79 -14.11 25.39
C THR A 110 -15.70 -14.86 24.64
N ASP A 111 -14.84 -15.55 25.38
CA ASP A 111 -13.76 -16.30 24.75
C ASP A 111 -14.32 -17.49 23.95
N LEU A 112 -15.39 -18.09 24.45
CA LEU A 112 -16.02 -19.22 23.79
C LEU A 112 -16.66 -18.79 22.47
N GLU A 113 -17.15 -17.56 22.42
CA GLU A 113 -17.77 -17.06 21.20
C GLU A 113 -16.66 -16.75 20.19
N ILE A 114 -15.52 -16.30 20.68
CA ILE A 114 -14.38 -15.99 19.82
C ILE A 114 -13.82 -17.31 19.26
N LEU A 115 -13.77 -18.33 20.11
CA LEU A 115 -13.28 -19.65 19.71
C LEU A 115 -14.22 -20.20 18.63
N ALA A 116 -15.52 -20.09 18.90
CA ALA A 116 -16.54 -20.57 17.98
C ALA A 116 -16.49 -19.96 16.59
N ALA A 117 -16.30 -18.64 16.51
CA ALA A 117 -16.25 -17.96 15.22
C ALA A 117 -15.02 -18.29 14.37
N ILE A 118 -13.87 -18.41 15.01
CA ILE A 118 -12.65 -18.73 14.29
C ILE A 118 -12.70 -20.19 13.83
N PHE A 119 -13.19 -21.07 14.71
CA PHE A 119 -13.32 -22.48 14.38
C PHE A 119 -14.28 -22.61 13.21
N ALA A 120 -15.42 -21.93 13.30
CA ALA A 120 -16.41 -21.97 12.24
C ALA A 120 -15.80 -21.56 10.91
N ALA A 121 -14.99 -20.50 10.92
CA ALA A 121 -14.33 -20.03 9.72
C ALA A 121 -13.36 -21.06 9.14
N ALA A 122 -12.61 -21.73 10.02
CA ALA A 122 -11.64 -22.74 9.58
C ALA A 122 -12.27 -23.98 8.93
N ILE A 123 -13.40 -24.44 9.47
CA ILE A 123 -14.06 -25.63 8.92
C ILE A 123 -15.18 -25.37 7.92
N HIS A 124 -15.57 -24.12 7.73
CA HIS A 124 -16.71 -23.81 6.87
C HIS A 124 -16.81 -24.34 5.44
N ASP A 125 -15.69 -24.74 4.84
CA ASP A 125 -15.71 -25.30 3.47
C ASP A 125 -14.95 -26.64 3.38
N VAL A 126 -14.75 -27.30 4.50
CA VAL A 126 -13.97 -28.53 4.50
C VAL A 126 -14.60 -29.65 3.66
N ASP A 127 -13.76 -30.30 2.85
CA ASP A 127 -14.18 -31.38 1.96
C ASP A 127 -15.08 -30.91 0.85
N HIS A 128 -14.87 -29.66 0.41
CA HIS A 128 -15.66 -29.07 -0.67
C HIS A 128 -15.17 -29.75 -1.97
N PRO A 129 -16.11 -30.28 -2.76
CA PRO A 129 -15.77 -30.95 -4.03
C PRO A 129 -15.49 -30.04 -5.21
N GLY A 130 -15.63 -28.73 -5.03
CA GLY A 130 -15.37 -27.84 -6.14
C GLY A 130 -16.57 -27.66 -7.06
N VAL A 131 -17.75 -28.07 -6.61
CA VAL A 131 -18.97 -27.90 -7.38
C VAL A 131 -20.06 -27.40 -6.42
N SER A 132 -21.11 -26.79 -6.98
CA SER A 132 -22.20 -26.24 -6.18
C SER A 132 -23.21 -27.24 -5.67
N ASN A 133 -24.04 -26.79 -4.73
CA ASN A 133 -25.10 -27.62 -4.18
C ASN A 133 -26.02 -28.09 -5.30
N GLN A 134 -26.35 -27.20 -6.22
CA GLN A 134 -27.22 -27.55 -7.33
C GLN A 134 -26.63 -28.66 -8.22
N PHE A 135 -25.33 -28.62 -8.43
CA PHE A 135 -24.67 -29.65 -9.23
C PHE A 135 -24.85 -31.00 -8.53
N LEU A 136 -24.67 -31.03 -7.21
CA LEU A 136 -24.84 -32.27 -6.45
C LEU A 136 -26.28 -32.75 -6.50
N ILE A 137 -27.21 -31.80 -6.48
CA ILE A 137 -28.63 -32.13 -6.53
C ILE A 137 -29.03 -32.69 -7.89
N ASN A 138 -28.53 -32.07 -8.96
CA ASN A 138 -28.86 -32.49 -10.31
C ASN A 138 -28.22 -33.81 -10.74
N THR A 139 -27.15 -34.24 -10.07
CA THR A 139 -26.50 -35.50 -10.42
C THR A 139 -26.99 -36.63 -9.54
N ASN A 140 -27.94 -36.32 -8.67
CA ASN A 140 -28.50 -37.27 -7.71
C ASN A 140 -27.41 -37.80 -6.77
N SER A 141 -26.52 -36.89 -6.39
CA SER A 141 -25.41 -37.18 -5.48
C SER A 141 -25.90 -37.81 -4.19
N GLU A 142 -25.08 -38.71 -3.63
CA GLU A 142 -25.44 -39.37 -2.37
C GLU A 142 -25.54 -38.33 -1.25
N LEU A 143 -24.72 -37.29 -1.35
CA LEU A 143 -24.70 -36.23 -0.34
C LEU A 143 -26.02 -35.45 -0.37
N ALA A 144 -26.51 -35.13 -1.57
CA ALA A 144 -27.78 -34.42 -1.72
C ALA A 144 -28.93 -35.25 -1.18
N LEU A 145 -28.91 -36.56 -1.42
CA LEU A 145 -29.95 -37.44 -0.93
C LEU A 145 -29.93 -37.53 0.60
N MET A 146 -28.74 -37.48 1.17
CA MET A 146 -28.61 -37.57 2.63
C MET A 146 -29.17 -36.32 3.32
N TYR A 147 -28.93 -35.17 2.72
CA TYR A 147 -29.34 -33.89 3.29
C TYR A 147 -30.60 -33.28 2.68
N ASN A 148 -31.35 -34.09 1.96
CA ASN A 148 -32.61 -33.65 1.35
C ASN A 148 -32.52 -32.34 0.56
N ASP A 149 -31.46 -32.21 -0.24
CA ASP A 149 -31.24 -31.04 -1.08
C ASP A 149 -31.15 -29.67 -0.37
N GLU A 150 -31.10 -29.67 0.96
CA GLU A 150 -31.01 -28.41 1.73
C GLU A 150 -29.61 -28.12 2.24
N SER A 151 -29.04 -26.96 1.87
CA SER A 151 -27.69 -26.60 2.32
C SER A 151 -26.83 -27.86 2.37
N VAL A 152 -26.81 -28.60 1.27
CA VAL A 152 -26.07 -29.85 1.19
C VAL A 152 -24.62 -29.75 1.61
N LEU A 153 -23.84 -28.93 0.92
CA LEU A 153 -22.43 -28.81 1.25
C LEU A 153 -22.16 -28.25 2.64
N GLU A 154 -22.91 -27.21 3.00
CA GLU A 154 -22.75 -26.57 4.29
C GLU A 154 -23.02 -27.55 5.43
N ASN A 155 -24.00 -28.41 5.26
CA ASN A 155 -24.29 -29.41 6.28
C ASN A 155 -23.14 -30.41 6.35
N HIS A 156 -22.58 -30.75 5.19
CA HIS A 156 -21.47 -31.68 5.11
C HIS A 156 -20.19 -31.09 5.72
N HIS A 157 -19.94 -29.80 5.49
CA HIS A 157 -18.75 -29.16 6.05
C HIS A 157 -18.78 -29.29 7.56
N LEU A 158 -19.95 -29.07 8.14
CA LEU A 158 -20.12 -29.16 9.60
C LEU A 158 -19.92 -30.59 10.10
N ALA A 159 -20.53 -31.55 9.41
CA ALA A 159 -20.42 -32.95 9.83
C ALA A 159 -18.95 -33.41 9.84
N VAL A 160 -18.20 -33.04 8.82
CA VAL A 160 -16.79 -33.42 8.72
C VAL A 160 -15.96 -32.70 9.78
N GLY A 161 -16.18 -31.40 9.94
CA GLY A 161 -15.43 -30.64 10.92
C GLY A 161 -15.52 -31.25 12.31
N PHE A 162 -16.73 -31.60 12.72
CA PHE A 162 -16.96 -32.19 14.02
C PHE A 162 -16.56 -33.67 14.07
N LYS A 163 -16.79 -34.40 12.98
CA LYS A 163 -16.44 -35.82 12.96
C LYS A 163 -14.94 -36.06 13.16
N LEU A 164 -14.11 -35.21 12.56
CA LEU A 164 -12.67 -35.35 12.65
C LEU A 164 -12.09 -35.17 14.07
N LEU A 165 -12.90 -34.64 14.98
CA LEU A 165 -12.45 -34.47 16.35
C LEU A 165 -12.27 -35.84 16.99
N GLN A 166 -12.93 -36.84 16.41
CA GLN A 166 -12.86 -38.19 16.93
C GLN A 166 -11.65 -39.00 16.50
N GLU A 167 -10.84 -38.48 15.57
CA GLU A 167 -9.66 -39.21 15.16
C GLU A 167 -8.62 -39.13 16.28
N GLU A 168 -7.59 -39.95 16.17
CA GLU A 168 -6.55 -40.04 17.20
C GLU A 168 -5.89 -38.70 17.56
N HIS A 169 -5.99 -38.31 18.83
CA HIS A 169 -5.40 -37.07 19.36
C HIS A 169 -5.94 -35.81 18.68
N CYS A 170 -7.21 -35.83 18.29
CA CYS A 170 -7.80 -34.69 17.59
C CYS A 170 -8.90 -33.90 18.33
N ASP A 171 -9.27 -34.30 19.54
CA ASP A 171 -10.36 -33.59 20.21
C ASP A 171 -9.90 -32.32 20.91
N ILE A 172 -9.91 -31.21 20.18
CA ILE A 172 -9.50 -29.93 20.74
C ILE A 172 -10.51 -29.37 21.73
N PHE A 173 -11.70 -29.96 21.79
CA PHE A 173 -12.72 -29.51 22.73
C PHE A 173 -12.88 -30.44 23.93
N MET A 174 -11.91 -31.32 24.10
CA MET A 174 -11.94 -32.31 25.19
C MET A 174 -12.10 -31.71 26.59
N ASN A 175 -11.43 -30.59 26.84
CA ASN A 175 -11.48 -29.98 28.16
C ASN A 175 -12.51 -28.88 28.39
N LEU A 176 -13.38 -28.68 27.43
CA LEU A 176 -14.45 -27.70 27.59
C LEU A 176 -15.50 -28.43 28.41
N THR A 177 -16.32 -27.69 29.15
CA THR A 177 -17.37 -28.31 29.94
C THR A 177 -18.42 -28.81 28.97
N LYS A 178 -19.32 -29.64 29.45
CA LYS A 178 -20.38 -30.17 28.60
C LYS A 178 -21.23 -29.01 28.09
N LYS A 179 -21.46 -28.03 28.96
CA LYS A 179 -22.26 -26.86 28.60
C LYS A 179 -21.55 -26.02 27.54
N GLN A 180 -20.25 -25.83 27.71
CA GLN A 180 -19.48 -25.06 26.73
C GLN A 180 -19.50 -25.72 25.36
N ARG A 181 -19.35 -27.05 25.34
CA ARG A 181 -19.35 -27.77 24.07
C ARG A 181 -20.70 -27.61 23.40
N GLN A 182 -21.76 -27.74 24.18
CA GLN A 182 -23.11 -27.58 23.64
C GLN A 182 -23.30 -26.20 23.03
N THR A 183 -22.87 -25.16 23.75
CA THR A 183 -23.04 -23.80 23.26
C THR A 183 -22.16 -23.51 22.06
N LEU A 184 -20.94 -24.03 22.07
CA LEU A 184 -20.05 -23.80 20.95
C LEU A 184 -20.60 -24.48 19.71
N ARG A 185 -21.09 -25.71 19.86
CA ARG A 185 -21.64 -26.45 18.72
C ARG A 185 -22.80 -25.69 18.11
N LYS A 186 -23.72 -25.24 18.95
CA LYS A 186 -24.88 -24.49 18.50
C LYS A 186 -24.43 -23.30 17.66
N MET A 187 -23.51 -22.52 18.20
CA MET A 187 -23.01 -21.34 17.52
C MET A 187 -22.27 -21.66 16.22
N VAL A 188 -21.43 -22.68 16.24
CA VAL A 188 -20.70 -23.05 15.03
C VAL A 188 -21.66 -23.49 13.92
N ILE A 189 -22.63 -24.32 14.26
CA ILE A 189 -23.60 -24.78 13.29
C ILE A 189 -24.34 -23.57 12.70
N ASP A 190 -24.73 -22.65 13.55
CA ASP A 190 -25.44 -21.44 13.12
C ASP A 190 -24.60 -20.66 12.12
N MET A 191 -23.34 -20.38 12.46
CA MET A 191 -22.49 -19.61 11.56
C MET A 191 -22.15 -20.31 10.22
N VAL A 192 -21.92 -21.61 10.24
CA VAL A 192 -21.59 -22.28 8.97
C VAL A 192 -22.79 -22.38 8.05
N LEU A 193 -23.94 -22.72 8.61
CA LEU A 193 -25.15 -22.80 7.79
C LEU A 193 -25.43 -21.43 7.16
N ALA A 194 -25.00 -20.38 7.84
CA ALA A 194 -25.20 -19.01 7.36
C ALA A 194 -24.32 -18.64 6.17
N THR A 195 -23.34 -19.50 5.84
CA THR A 195 -22.47 -19.22 4.69
C THR A 195 -23.14 -19.63 3.38
N ASP A 196 -24.29 -20.31 3.48
CA ASP A 196 -25.03 -20.73 2.30
C ASP A 196 -25.56 -19.45 1.64
N MET A 197 -25.08 -19.16 0.45
CA MET A 197 -25.49 -17.95 -0.27
C MET A 197 -26.99 -17.79 -0.44
N SER A 198 -27.75 -18.87 -0.34
CA SER A 198 -29.20 -18.76 -0.49
C SER A 198 -29.84 -18.10 0.74
N LYS A 199 -29.03 -17.89 1.77
CA LYS A 199 -29.53 -17.26 3.00
C LYS A 199 -29.02 -15.82 3.10
N HIS A 200 -28.23 -15.41 2.11
CA HIS A 200 -27.65 -14.07 2.09
C HIS A 200 -28.67 -12.94 2.30
N MET A 201 -29.65 -12.87 1.41
CA MET A 201 -30.66 -11.81 1.49
C MET A 201 -31.32 -11.69 2.87
N SER A 202 -31.74 -12.82 3.44
CA SER A 202 -32.37 -12.77 4.75
C SER A 202 -31.35 -12.36 5.82
N LEU A 203 -30.08 -12.66 5.58
CA LEU A 203 -29.03 -12.29 6.54
C LEU A 203 -28.86 -10.78 6.54
N LEU A 204 -28.72 -10.22 5.34
CA LEU A 204 -28.54 -8.79 5.16
C LEU A 204 -29.72 -8.02 5.72
N ALA A 205 -30.92 -8.45 5.35
CA ALA A 205 -32.15 -7.81 5.80
C ALA A 205 -32.14 -7.72 7.33
N ASP A 206 -32.04 -8.86 7.99
CA ASP A 206 -32.03 -8.91 9.44
C ASP A 206 -30.87 -8.09 10.00
N LEU A 207 -29.77 -8.04 9.26
CA LEU A 207 -28.59 -7.29 9.70
C LEU A 207 -28.87 -5.78 9.71
N LYS A 208 -29.49 -5.30 8.64
CA LYS A 208 -29.83 -3.88 8.54
C LYS A 208 -30.74 -3.54 9.71
N THR A 209 -31.79 -4.34 9.87
CA THR A 209 -32.76 -4.15 10.94
C THR A 209 -32.07 -3.91 12.29
N MET A 210 -31.14 -4.80 12.64
CA MET A 210 -30.43 -4.67 13.90
C MET A 210 -29.67 -3.35 13.97
N VAL A 211 -29.14 -2.90 12.84
CA VAL A 211 -28.40 -1.65 12.80
C VAL A 211 -29.33 -0.47 13.08
N GLU A 212 -30.62 -0.66 12.82
CA GLU A 212 -31.59 0.39 13.07
C GLU A 212 -31.79 0.54 14.58
N THR A 213 -31.67 -0.57 15.29
CA THR A 213 -31.81 -0.59 16.74
C THR A 213 -30.44 -0.50 17.42
N LYS A 214 -29.41 -0.33 16.62
CA LYS A 214 -28.03 -0.23 17.09
C LYS A 214 -27.89 0.63 18.36
N LYS A 215 -27.23 0.06 19.37
CA LYS A 215 -27.01 0.76 20.63
C LYS A 215 -25.52 0.76 20.95
N VAL A 216 -25.00 1.90 21.39
CA VAL A 216 -23.57 2.01 21.72
C VAL A 216 -23.35 2.36 23.18
N THR A 217 -22.15 2.82 23.50
CA THR A 217 -21.81 3.19 24.86
C THR A 217 -21.05 4.51 24.88
N SER A 218 -20.59 4.89 26.07
CA SER A 218 -19.82 6.10 26.24
C SER A 218 -18.40 5.80 25.76
N SER A 219 -18.22 5.82 24.44
CA SER A 219 -16.94 5.54 23.80
C SER A 219 -17.20 5.15 22.35
N GLY A 220 -18.40 4.62 22.10
CA GLY A 220 -18.76 4.21 20.77
C GLY A 220 -18.84 2.71 20.59
N VAL A 221 -18.57 1.97 21.66
CA VAL A 221 -18.62 0.50 21.62
C VAL A 221 -20.06 -0.02 21.57
N LEU A 222 -20.32 -0.91 20.63
CA LEU A 222 -21.65 -1.49 20.47
C LEU A 222 -22.09 -2.25 21.71
N LEU A 223 -23.40 -2.29 21.93
CA LEU A 223 -23.98 -3.00 23.06
C LEU A 223 -24.87 -4.14 22.60
N LEU A 224 -24.50 -5.35 23.00
CA LEU A 224 -25.23 -6.56 22.65
C LEU A 224 -25.27 -7.42 23.91
N ASP A 225 -26.33 -7.26 24.70
CA ASP A 225 -26.44 -8.01 25.95
C ASP A 225 -27.14 -9.36 25.89
N ASN A 226 -27.79 -9.68 24.77
CA ASN A 226 -28.46 -10.96 24.66
C ASN A 226 -27.85 -11.84 23.58
N TYR A 227 -27.87 -13.15 23.82
CA TYR A 227 -27.32 -14.13 22.90
C TYR A 227 -27.78 -13.93 21.45
N THR A 228 -29.09 -13.84 21.26
CA THR A 228 -29.67 -13.65 19.95
C THR A 228 -29.00 -12.55 19.13
N ASP A 229 -28.70 -11.43 19.78
CA ASP A 229 -28.06 -10.30 19.10
C ASP A 229 -26.59 -10.57 18.82
N ARG A 230 -25.90 -11.25 19.73
CA ARG A 230 -24.49 -11.53 19.54
C ARG A 230 -24.28 -12.56 18.43
N ILE A 231 -25.11 -13.60 18.40
CA ILE A 231 -24.98 -14.63 17.37
C ILE A 231 -25.28 -14.05 15.98
N GLN A 232 -26.22 -13.09 15.91
CA GLN A 232 -26.54 -12.50 14.63
C GLN A 232 -25.34 -11.73 14.09
N VAL A 233 -24.57 -11.11 14.99
CA VAL A 233 -23.39 -10.36 14.59
C VAL A 233 -22.26 -11.30 14.16
N LEU A 234 -22.08 -12.38 14.92
CA LEU A 234 -21.04 -13.35 14.62
C LEU A 234 -21.33 -13.99 13.27
N ARG A 235 -22.58 -14.40 13.11
CA ARG A 235 -23.09 -15.01 11.89
C ARG A 235 -22.71 -14.14 10.70
N ASN A 236 -23.04 -12.85 10.79
CA ASN A 236 -22.74 -11.93 9.71
C ASN A 236 -21.24 -11.63 9.59
N MET A 237 -20.54 -11.68 10.71
CA MET A 237 -19.10 -11.43 10.70
C MET A 237 -18.37 -12.50 9.88
N VAL A 238 -18.72 -13.75 10.11
CA VAL A 238 -18.08 -14.84 9.37
C VAL A 238 -18.48 -14.76 7.90
N HIS A 239 -19.73 -14.36 7.64
CA HIS A 239 -20.22 -14.23 6.27
C HIS A 239 -19.43 -13.15 5.55
N CYS A 240 -19.12 -12.05 6.26
CA CYS A 240 -18.35 -10.97 5.67
C CYS A 240 -16.92 -11.43 5.37
N ALA A 241 -16.32 -12.16 6.30
CA ALA A 241 -14.96 -12.64 6.12
C ALA A 241 -14.93 -13.57 4.90
N ASP A 242 -15.96 -14.39 4.78
CA ASP A 242 -16.10 -15.32 3.66
C ASP A 242 -16.15 -14.55 2.35
N LEU A 243 -16.82 -13.40 2.36
CA LEU A 243 -16.95 -12.55 1.18
C LEU A 243 -16.04 -11.33 1.26
N SER A 244 -14.83 -11.52 1.79
CA SER A 244 -13.89 -10.41 1.93
C SER A 244 -12.89 -10.24 0.79
N ASN A 245 -12.83 -11.20 -0.13
CA ASN A 245 -11.88 -11.12 -1.24
C ASN A 245 -11.83 -9.73 -1.93
N PRO A 246 -12.99 -9.22 -2.37
CA PRO A 246 -13.05 -7.92 -3.04
C PRO A 246 -12.61 -6.71 -2.22
N THR A 247 -12.49 -6.87 -0.91
CA THR A 247 -12.08 -5.77 -0.05
C THR A 247 -10.60 -5.76 0.26
N LYS A 248 -9.86 -6.74 -0.28
CA LYS A 248 -8.42 -6.82 -0.05
C LYS A 248 -7.65 -6.04 -1.09
N SER A 249 -6.35 -5.87 -0.84
CA SER A 249 -5.49 -5.17 -1.78
C SER A 249 -5.63 -5.90 -3.12
N LEU A 250 -5.71 -5.13 -4.21
CA LEU A 250 -5.91 -5.71 -5.52
C LEU A 250 -5.01 -6.89 -5.86
N GLU A 251 -3.76 -6.86 -5.42
CA GLU A 251 -2.85 -7.96 -5.72
C GLU A 251 -3.43 -9.27 -5.20
N LEU A 252 -4.05 -9.22 -4.03
CA LEU A 252 -4.66 -10.41 -3.43
C LEU A 252 -6.00 -10.73 -4.09
N TYR A 253 -6.87 -9.73 -4.20
CA TYR A 253 -8.19 -9.90 -4.81
C TYR A 253 -8.10 -10.56 -6.18
N ARG A 254 -7.15 -10.12 -7.00
CA ARG A 254 -6.97 -10.68 -8.32
C ARG A 254 -6.61 -12.16 -8.30
N GLN A 255 -5.84 -12.58 -7.30
CA GLN A 255 -5.47 -14.00 -7.20
C GLN A 255 -6.70 -14.80 -6.79
N TRP A 256 -7.52 -14.24 -5.91
CA TRP A 256 -8.74 -14.93 -5.49
C TRP A 256 -9.72 -15.06 -6.66
N THR A 257 -9.81 -13.99 -7.46
CA THR A 257 -10.69 -13.99 -8.62
C THR A 257 -10.22 -15.03 -9.64
N ASP A 258 -8.92 -15.13 -9.87
CA ASP A 258 -8.42 -16.13 -10.82
C ASP A 258 -8.84 -17.53 -10.36
N ARG A 259 -8.77 -17.78 -9.06
CA ARG A 259 -9.14 -19.07 -8.51
C ARG A 259 -10.62 -19.37 -8.58
N ILE A 260 -11.46 -18.40 -8.22
CA ILE A 260 -12.89 -18.61 -8.28
C ILE A 260 -13.32 -18.87 -9.73
N MET A 261 -12.69 -18.19 -10.69
CA MET A 261 -13.03 -18.39 -12.09
C MET A 261 -12.53 -19.76 -12.58
N GLU A 262 -11.38 -20.19 -12.09
CA GLU A 262 -10.85 -21.49 -12.50
C GLU A 262 -11.79 -22.57 -11.99
N GLU A 263 -12.25 -22.43 -10.75
CA GLU A 263 -13.16 -23.43 -10.19
C GLU A 263 -14.51 -23.45 -10.92
N PHE A 264 -15.00 -22.27 -11.31
CA PHE A 264 -16.26 -22.20 -12.03
C PHE A 264 -16.11 -22.90 -13.38
N PHE A 265 -15.00 -22.65 -14.07
CA PHE A 265 -14.76 -23.27 -15.36
C PHE A 265 -14.61 -24.79 -15.22
N GLN A 266 -14.01 -25.24 -14.13
CA GLN A 266 -13.85 -26.67 -13.93
C GLN A 266 -15.21 -27.33 -13.75
N GLN A 267 -16.14 -26.67 -13.07
CA GLN A 267 -17.47 -27.24 -12.91
C GLN A 267 -18.14 -27.24 -14.29
N GLY A 268 -17.87 -26.20 -15.07
CA GLY A 268 -18.43 -26.13 -16.41
C GLY A 268 -17.92 -27.32 -17.22
N ASP A 269 -16.66 -27.69 -17.02
CA ASP A 269 -16.11 -28.83 -17.74
C ASP A 269 -16.80 -30.12 -17.30
N LYS A 270 -17.06 -30.25 -16.00
CA LYS A 270 -17.72 -31.45 -15.48
C LYS A 270 -19.14 -31.58 -16.02
N GLU A 271 -19.84 -30.45 -16.14
CA GLU A 271 -21.20 -30.47 -16.63
C GLU A 271 -21.21 -30.95 -18.07
N ARG A 272 -20.25 -30.45 -18.85
CA ARG A 272 -20.13 -30.83 -20.25
C ARG A 272 -19.79 -32.33 -20.34
N GLU A 273 -18.81 -32.76 -19.54
CA GLU A 273 -18.39 -34.17 -19.52
C GLU A 273 -19.54 -35.12 -19.21
N ARG A 274 -20.42 -34.73 -18.30
CA ARG A 274 -21.54 -35.59 -17.93
C ARG A 274 -22.83 -35.36 -18.70
N GLY A 275 -22.74 -34.61 -19.79
CA GLY A 275 -23.92 -34.37 -20.61
C GLY A 275 -24.99 -33.50 -19.95
N MET A 276 -24.56 -32.60 -19.06
CA MET A 276 -25.48 -31.69 -18.38
C MET A 276 -25.33 -30.34 -19.07
N GLU A 277 -26.34 -29.48 -18.93
CA GLU A 277 -26.25 -28.15 -19.53
C GLU A 277 -25.35 -27.30 -18.64
N ILE A 278 -24.51 -26.48 -19.27
CA ILE A 278 -23.58 -25.61 -18.53
C ILE A 278 -24.29 -24.56 -17.68
N SER A 279 -23.67 -24.21 -16.56
CA SER A 279 -24.21 -23.22 -15.63
C SER A 279 -23.67 -21.82 -15.93
N PRO A 280 -24.37 -20.77 -15.47
CA PRO A 280 -23.97 -19.38 -15.68
C PRO A 280 -22.61 -19.09 -15.03
N MET A 281 -21.67 -18.60 -15.83
CA MET A 281 -20.31 -18.27 -15.36
C MET A 281 -19.44 -19.50 -15.19
N CYS A 282 -19.89 -20.62 -15.73
CA CYS A 282 -19.14 -21.87 -15.67
C CYS A 282 -18.64 -22.20 -17.08
N ASP A 283 -18.98 -21.33 -18.02
CA ASP A 283 -18.58 -21.48 -19.42
C ASP A 283 -17.42 -20.52 -19.70
N LYS A 284 -16.20 -21.06 -19.68
CA LYS A 284 -14.99 -20.26 -19.93
C LYS A 284 -14.99 -19.48 -21.23
N HIS A 285 -15.98 -19.74 -22.08
CA HIS A 285 -16.06 -19.06 -23.36
C HIS A 285 -17.19 -18.04 -23.44
N THR A 286 -18.03 -17.97 -22.40
CA THR A 286 -19.13 -17.02 -22.39
C THR A 286 -19.22 -16.27 -21.07
N ALA A 287 -18.17 -16.33 -20.27
CA ALA A 287 -18.14 -15.64 -19.00
C ALA A 287 -17.21 -14.44 -19.07
N SER A 288 -17.65 -13.32 -18.51
CA SER A 288 -16.86 -12.09 -18.51
C SER A 288 -16.44 -11.77 -17.07
N VAL A 289 -15.21 -12.14 -16.74
CA VAL A 289 -14.66 -11.92 -15.41
C VAL A 289 -14.95 -10.53 -14.87
N GLU A 290 -14.55 -9.51 -15.62
CA GLU A 290 -14.75 -8.13 -15.20
C GLU A 290 -16.21 -7.85 -14.86
N LYS A 291 -17.11 -8.13 -15.80
CA LYS A 291 -18.53 -7.88 -15.57
C LYS A 291 -19.06 -8.65 -14.37
N SER A 292 -18.62 -9.89 -14.24
CA SER A 292 -19.06 -10.73 -13.13
C SER A 292 -18.65 -10.17 -11.77
N GLN A 293 -17.44 -9.67 -11.68
CA GLN A 293 -16.95 -9.10 -10.42
C GLN A 293 -17.70 -7.81 -10.07
N VAL A 294 -17.95 -6.98 -11.08
CA VAL A 294 -18.68 -5.73 -10.84
C VAL A 294 -20.07 -6.08 -10.35
N GLY A 295 -20.71 -7.02 -11.03
CA GLY A 295 -22.04 -7.43 -10.62
C GLY A 295 -22.08 -8.02 -9.23
N PHE A 296 -21.08 -8.85 -8.91
CA PHE A 296 -21.01 -9.49 -7.60
C PHE A 296 -20.88 -8.48 -6.48
N ILE A 297 -20.06 -7.46 -6.70
CA ILE A 297 -19.86 -6.42 -5.69
C ILE A 297 -21.10 -5.54 -5.52
N ASP A 298 -21.61 -5.00 -6.63
CA ASP A 298 -22.79 -4.13 -6.57
C ASP A 298 -24.01 -4.77 -5.93
N TYR A 299 -24.32 -5.99 -6.33
CA TYR A 299 -25.49 -6.69 -5.81
C TYR A 299 -25.32 -7.49 -4.53
N ILE A 300 -24.11 -7.87 -4.17
CA ILE A 300 -23.93 -8.67 -2.97
C ILE A 300 -22.88 -8.19 -1.97
N VAL A 301 -21.64 -8.09 -2.41
CA VAL A 301 -20.56 -7.68 -1.52
C VAL A 301 -20.68 -6.27 -0.95
N HIS A 302 -20.85 -5.27 -1.81
CA HIS A 302 -20.96 -3.90 -1.32
C HIS A 302 -22.17 -3.71 -0.41
N PRO A 303 -23.35 -4.19 -0.83
CA PRO A 303 -24.52 -4.01 0.05
C PRO A 303 -24.27 -4.63 1.42
N LEU A 304 -23.50 -5.71 1.46
CA LEU A 304 -23.18 -6.38 2.71
C LEU A 304 -22.20 -5.57 3.56
N TRP A 305 -21.06 -5.24 2.98
CA TRP A 305 -20.04 -4.50 3.70
C TRP A 305 -20.45 -3.08 4.10
N GLU A 306 -21.37 -2.50 3.35
CA GLU A 306 -21.84 -1.15 3.65
C GLU A 306 -22.60 -1.24 4.97
N THR A 307 -23.43 -2.27 5.08
CA THR A 307 -24.22 -2.49 6.29
C THR A 307 -23.31 -2.82 7.48
N TRP A 308 -22.27 -3.60 7.23
CA TRP A 308 -21.35 -3.96 8.31
C TRP A 308 -20.60 -2.69 8.71
N ALA A 309 -20.13 -1.95 7.71
CA ALA A 309 -19.40 -0.71 7.96
C ALA A 309 -20.24 0.20 8.84
N ASP A 310 -21.54 0.24 8.58
CA ASP A 310 -22.46 1.06 9.35
C ASP A 310 -22.53 0.60 10.80
N LEU A 311 -22.60 -0.71 11.01
CA LEU A 311 -22.68 -1.28 12.35
C LEU A 311 -21.44 -0.96 13.20
N VAL A 312 -20.26 -0.95 12.56
CA VAL A 312 -19.03 -0.68 13.29
C VAL A 312 -18.38 0.67 12.95
N GLN A 313 -19.17 1.61 12.43
CA GLN A 313 -18.66 2.93 12.08
C GLN A 313 -17.71 3.47 13.15
N PRO A 314 -16.55 3.98 12.74
CA PRO A 314 -16.07 4.05 11.36
C PRO A 314 -14.93 3.04 11.13
N ASP A 315 -14.92 1.96 11.90
CA ASP A 315 -13.87 0.94 11.82
C ASP A 315 -13.60 0.37 10.42
N ALA A 316 -14.66 0.13 9.64
CA ALA A 316 -14.52 -0.47 8.31
C ALA A 316 -14.36 0.47 7.12
N GLN A 317 -14.32 1.77 7.37
CA GLN A 317 -14.20 2.74 6.28
C GLN A 317 -13.10 2.42 5.25
N ASP A 318 -11.91 2.09 5.72
CA ASP A 318 -10.81 1.78 4.80
C ASP A 318 -11.13 0.56 3.95
N ILE A 319 -11.85 -0.40 4.53
CA ILE A 319 -12.23 -1.60 3.80
C ILE A 319 -13.22 -1.23 2.71
N LEU A 320 -14.18 -0.37 3.04
CA LEU A 320 -15.17 0.07 2.06
C LEU A 320 -14.54 0.85 0.91
N ASP A 321 -13.51 1.62 1.21
CA ASP A 321 -12.83 2.40 0.16
C ASP A 321 -12.08 1.49 -0.80
N THR A 322 -11.40 0.48 -0.27
CA THR A 322 -10.66 -0.44 -1.11
C THR A 322 -11.66 -1.18 -1.99
N LEU A 323 -12.76 -1.62 -1.38
CA LEU A 323 -13.79 -2.33 -2.11
C LEU A 323 -14.24 -1.50 -3.30
N GLU A 324 -14.49 -0.22 -3.04
CA GLU A 324 -14.93 0.68 -4.10
C GLU A 324 -13.87 0.88 -5.16
N ASP A 325 -12.61 1.01 -4.77
CA ASP A 325 -11.54 1.17 -5.75
C ASP A 325 -11.42 -0.07 -6.63
N ASN A 326 -11.52 -1.25 -6.02
CA ASN A 326 -11.42 -2.50 -6.77
C ASN A 326 -12.60 -2.62 -7.72
N ARG A 327 -13.78 -2.22 -7.25
CA ARG A 327 -14.99 -2.27 -8.05
C ARG A 327 -14.84 -1.40 -9.29
N ASN A 328 -14.31 -0.18 -9.11
CA ASN A 328 -14.12 0.71 -10.24
C ASN A 328 -13.00 0.24 -11.16
N TRP A 329 -12.00 -0.43 -10.58
CA TRP A 329 -10.90 -0.92 -11.39
C TRP A 329 -11.43 -1.97 -12.36
N TYR A 330 -12.28 -2.86 -11.88
CA TYR A 330 -12.85 -3.90 -12.73
C TYR A 330 -13.82 -3.29 -13.71
N GLN A 331 -14.55 -2.27 -13.25
CA GLN A 331 -15.51 -1.57 -14.09
C GLN A 331 -14.82 -1.03 -15.34
N SER A 332 -13.68 -0.37 -15.13
CA SER A 332 -12.93 0.21 -16.24
C SER A 332 -12.21 -0.88 -17.03
N MET A 333 -12.03 -2.03 -16.41
CA MET A 333 -11.33 -3.14 -17.05
C MET A 333 -12.21 -3.93 -18.01
N ILE A 334 -13.51 -3.70 -17.97
CA ILE A 334 -14.44 -4.39 -18.86
C ILE A 334 -14.04 -4.05 -20.30
N PRO A 335 -13.79 -5.08 -21.13
CA PRO A 335 -13.40 -4.88 -22.53
C PRO A 335 -14.41 -4.06 -23.33
N GLN A 336 -13.91 -3.36 -24.35
CA GLN A 336 -14.76 -2.51 -25.19
C GLN A 336 -14.48 -2.70 -26.69
N ALA A 337 -15.53 -2.94 -27.45
CA ALA A 337 -15.42 -3.14 -28.89
C ALA A 337 -16.33 -2.19 -29.67
N PRO A 338 -15.77 -1.07 -30.17
CA PRO A 338 -16.53 -0.07 -30.93
C PRO A 338 -17.01 -0.58 -32.29
N ALA A 339 -16.73 0.17 -33.35
CA ALA A 339 -17.13 -0.20 -34.70
C ALA A 339 -15.92 -0.24 -35.64
N SER B 2 12.76 35.35 12.26
CA SER B 2 11.98 34.97 13.47
C SER B 2 10.88 33.97 13.13
N ILE B 3 10.68 32.99 14.03
CA ILE B 3 9.68 31.96 13.84
C ILE B 3 8.26 32.53 13.90
N SER B 4 8.15 33.86 13.77
CA SER B 4 6.87 34.55 13.83
C SER B 4 6.35 34.88 12.42
N ARG B 5 7.27 35.11 11.50
CA ARG B 5 6.90 35.44 10.12
C ARG B 5 6.11 34.31 9.47
N PHE B 6 5.94 33.21 10.20
CA PHE B 6 5.22 32.05 9.69
C PHE B 6 3.72 32.13 9.99
N GLY B 7 3.33 33.12 10.78
CA GLY B 7 1.94 33.31 11.12
C GLY B 7 1.23 32.06 11.60
N VAL B 8 1.94 31.20 12.33
CA VAL B 8 1.37 29.97 12.85
C VAL B 8 1.08 30.07 14.36
N ASN B 9 -0.20 29.92 14.70
CA ASN B 9 -0.63 29.99 16.10
C ASN B 9 0.01 28.87 16.93
N THR B 10 0.11 29.08 18.23
CA THR B 10 0.69 28.11 19.15
C THR B 10 0.05 26.74 18.94
N GLU B 11 -1.20 26.73 18.49
CA GLU B 11 -1.91 25.48 18.24
C GLU B 11 -1.09 24.65 17.26
N ASN B 12 -1.04 25.07 16.00
CA ASN B 12 -0.29 24.33 14.98
C ASN B 12 1.20 24.29 15.34
N GLU B 13 1.69 25.33 16.01
CA GLU B 13 3.09 25.39 16.40
C GLU B 13 3.43 24.13 17.18
N ASP B 14 2.41 23.56 17.81
CA ASP B 14 2.56 22.33 18.59
C ASP B 14 2.67 21.15 17.63
N HIS B 15 1.78 21.10 16.66
CA HIS B 15 1.78 20.03 15.66
C HIS B 15 3.04 20.07 14.82
N LEU B 16 3.38 21.26 14.32
CA LEU B 16 4.57 21.44 13.49
C LEU B 16 5.79 20.82 14.15
N ALA B 17 6.02 21.15 15.41
CA ALA B 17 7.17 20.62 16.14
C ALA B 17 7.07 19.09 16.18
N LYS B 18 5.85 18.59 16.24
CA LYS B 18 5.62 17.16 16.29
C LYS B 18 6.09 16.52 14.97
N GLU B 19 5.64 17.10 13.85
CA GLU B 19 6.01 16.60 12.53
C GLU B 19 7.50 16.74 12.26
N LEU B 20 8.09 17.84 12.74
CA LEU B 20 9.51 18.09 12.51
C LEU B 20 10.45 17.18 13.29
N GLU B 21 9.88 16.24 14.04
CA GLU B 21 10.70 15.29 14.79
C GLU B 21 11.31 14.31 13.80
N ASP B 22 10.69 14.19 12.64
CA ASP B 22 11.16 13.28 11.60
C ASP B 22 12.01 14.00 10.56
N LEU B 23 12.40 15.24 10.87
CA LEU B 23 13.20 16.05 9.96
C LEU B 23 14.36 15.29 9.32
N ASN B 24 15.04 14.45 10.10
CA ASN B 24 16.16 13.68 9.56
C ASN B 24 15.75 12.28 9.11
N LYS B 25 14.44 12.06 8.94
CA LYS B 25 13.94 10.75 8.53
C LYS B 25 13.30 10.71 7.15
N TRP B 26 13.53 9.62 6.43
CA TRP B 26 12.96 9.42 5.10
C TRP B 26 11.45 9.37 5.21
N GLY B 27 10.95 9.04 6.41
CA GLY B 27 9.53 8.92 6.63
C GLY B 27 8.79 10.20 6.98
N LEU B 28 9.49 11.34 6.95
CA LEU B 28 8.85 12.61 7.27
C LEU B 28 7.67 12.87 6.32
N ASN B 29 6.62 13.48 6.83
CA ASN B 29 5.44 13.76 6.00
C ASN B 29 5.37 15.25 5.71
N ILE B 30 5.82 15.64 4.52
CA ILE B 30 5.82 17.04 4.12
C ILE B 30 4.42 17.60 3.93
N PHE B 31 3.46 16.72 3.63
CA PHE B 31 2.08 17.14 3.44
C PHE B 31 1.50 17.75 4.71
N ASN B 32 1.81 17.14 5.85
CA ASN B 32 1.34 17.64 7.14
C ASN B 32 2.07 18.95 7.47
N VAL B 33 3.36 18.97 7.18
CA VAL B 33 4.18 20.15 7.44
C VAL B 33 3.60 21.38 6.75
N ALA B 34 3.11 21.20 5.52
CA ALA B 34 2.52 22.30 4.76
C ALA B 34 1.20 22.71 5.37
N GLY B 35 0.45 21.73 5.86
CA GLY B 35 -0.83 22.02 6.47
C GLY B 35 -0.74 22.76 7.79
N TYR B 36 0.40 22.67 8.46
CA TYR B 36 0.59 23.34 9.76
C TYR B 36 1.43 24.62 9.67
N SER B 37 1.85 25.00 8.47
CA SER B 37 2.69 26.19 8.29
C SER B 37 2.16 27.12 7.22
N HIS B 38 0.84 27.24 7.18
CA HIS B 38 0.13 28.03 6.19
C HIS B 38 0.63 27.82 4.76
N ASN B 39 0.83 26.55 4.42
CA ASN B 39 1.27 26.15 3.11
C ASN B 39 2.56 26.82 2.70
N ARG B 40 3.52 26.83 3.62
CA ARG B 40 4.85 27.38 3.36
C ARG B 40 5.82 26.28 3.78
N PRO B 41 5.66 25.08 3.21
CA PRO B 41 6.52 23.93 3.53
C PRO B 41 7.98 24.15 3.17
N LEU B 42 8.23 24.82 2.05
CA LEU B 42 9.60 25.04 1.63
C LEU B 42 10.37 25.91 2.62
N THR B 43 9.82 27.07 2.96
CA THR B 43 10.48 27.97 3.90
C THR B 43 10.59 27.30 5.26
N CYS B 44 9.51 26.67 5.70
CA CYS B 44 9.48 26.00 6.99
C CYS B 44 10.50 24.87 7.09
N ILE B 45 10.60 24.03 6.06
CA ILE B 45 11.54 22.92 6.11
C ILE B 45 12.98 23.38 5.94
N MET B 46 13.21 24.37 5.07
CA MET B 46 14.55 24.88 4.85
C MET B 46 15.07 25.57 6.12
N TYR B 47 14.18 26.25 6.83
CA TYR B 47 14.58 26.92 8.06
C TYR B 47 14.97 25.85 9.06
N ALA B 48 14.17 24.79 9.15
CA ALA B 48 14.45 23.69 10.07
C ALA B 48 15.77 23.02 9.73
N ILE B 49 15.99 22.78 8.43
CA ILE B 49 17.22 22.14 7.98
C ILE B 49 18.45 22.98 8.26
N PHE B 50 18.37 24.28 7.99
CA PHE B 50 19.51 25.16 8.21
C PHE B 50 19.89 25.26 9.69
N GLN B 51 18.88 25.26 10.56
CA GLN B 51 19.13 25.31 11.99
C GLN B 51 19.80 24.00 12.40
N GLU B 52 19.15 22.90 12.03
CA GLU B 52 19.63 21.54 12.31
C GLU B 52 21.10 21.37 11.96
N ARG B 53 21.53 21.97 10.85
CA ARG B 53 22.92 21.87 10.43
C ARG B 53 23.73 23.12 10.79
N ASP B 54 23.14 24.01 11.58
CA ASP B 54 23.79 25.24 11.99
C ASP B 54 24.47 25.95 10.80
N LEU B 55 23.75 26.03 9.68
CA LEU B 55 24.28 26.67 8.48
C LEU B 55 24.23 28.19 8.52
N LEU B 56 23.23 28.74 9.23
CA LEU B 56 23.09 30.18 9.33
C LEU B 56 24.31 30.77 10.04
N LYS B 57 24.66 30.17 11.18
CA LYS B 57 25.79 30.61 11.97
C LYS B 57 27.08 30.42 11.17
N THR B 58 27.25 29.25 10.58
CA THR B 58 28.44 28.94 9.81
C THR B 58 28.71 29.91 8.65
N PHE B 59 27.66 30.33 7.97
CA PHE B 59 27.84 31.23 6.83
C PHE B 59 27.35 32.65 7.11
N ARG B 60 27.19 32.96 8.40
CA ARG B 60 26.76 34.27 8.82
C ARG B 60 25.54 34.76 8.05
N ILE B 61 24.46 33.99 8.12
CA ILE B 61 23.21 34.34 7.45
C ILE B 61 22.18 34.66 8.52
N SER B 62 21.74 35.91 8.57
CA SER B 62 20.74 36.29 9.56
C SER B 62 19.43 35.59 9.26
N SER B 63 18.65 35.32 10.30
CA SER B 63 17.37 34.65 10.13
C SER B 63 16.48 35.46 9.20
N ASP B 64 16.46 36.78 9.39
CA ASP B 64 15.63 37.65 8.58
C ASP B 64 15.98 37.57 7.10
N THR B 65 17.27 37.56 6.78
CA THR B 65 17.68 37.48 5.39
C THR B 65 17.26 36.14 4.80
N PHE B 66 17.48 35.07 5.56
CA PHE B 66 17.13 33.73 5.12
C PHE B 66 15.64 33.56 4.88
N ILE B 67 14.82 33.99 5.84
CA ILE B 67 13.38 33.87 5.72
C ILE B 67 12.84 34.77 4.62
N THR B 68 13.45 35.95 4.45
CA THR B 68 12.99 36.86 3.42
C THR B 68 13.25 36.22 2.05
N TYR B 69 14.45 35.69 1.87
CA TYR B 69 14.79 35.04 0.61
C TYR B 69 13.89 33.82 0.38
N MET B 70 13.81 32.93 1.37
CA MET B 70 12.99 31.73 1.22
C MET B 70 11.53 32.03 0.93
N MET B 71 10.94 32.97 1.66
CA MET B 71 9.54 33.33 1.44
C MET B 71 9.37 33.86 0.02
N THR B 72 10.37 34.60 -0.46
CA THR B 72 10.32 35.14 -1.80
C THR B 72 10.46 33.99 -2.80
N LEU B 73 11.43 33.11 -2.58
CA LEU B 73 11.65 31.97 -3.45
C LEU B 73 10.40 31.11 -3.51
N GLU B 74 9.87 30.78 -2.33
CA GLU B 74 8.68 29.96 -2.26
C GLU B 74 7.52 30.55 -3.06
N ASP B 75 7.37 31.87 -2.97
CA ASP B 75 6.31 32.56 -3.69
C ASP B 75 6.45 32.49 -5.20
N HIS B 76 7.65 32.13 -5.67
CA HIS B 76 7.86 32.03 -7.10
C HIS B 76 7.57 30.64 -7.64
N TYR B 77 7.10 29.77 -6.76
CA TYR B 77 6.67 28.44 -7.15
C TYR B 77 5.16 28.65 -7.36
N HIS B 78 4.59 28.06 -8.40
CA HIS B 78 3.17 28.22 -8.68
C HIS B 78 2.29 27.23 -7.93
N SER B 79 1.53 27.73 -6.96
CA SER B 79 0.66 26.88 -6.16
C SER B 79 -0.49 26.25 -6.97
N ASP B 80 -0.75 26.76 -8.16
CA ASP B 80 -1.83 26.22 -9.00
C ASP B 80 -1.33 25.11 -9.93
N VAL B 81 -0.03 24.85 -9.90
CA VAL B 81 0.57 23.77 -10.68
C VAL B 81 0.53 22.58 -9.73
N ALA B 82 -0.16 21.52 -10.13
CA ALA B 82 -0.36 20.34 -9.29
C ALA B 82 0.85 19.65 -8.64
N TYR B 83 1.93 19.47 -9.39
CA TYR B 83 3.10 18.78 -8.84
C TYR B 83 4.31 19.69 -8.59
N HIS B 84 4.77 20.39 -9.63
CA HIS B 84 5.92 21.25 -9.51
C HIS B 84 5.68 22.58 -8.78
N ASN B 85 5.25 22.48 -7.53
CA ASN B 85 4.99 23.62 -6.67
C ASN B 85 5.97 23.52 -5.49
N SER B 86 5.84 24.41 -4.50
CA SER B 86 6.80 24.39 -3.39
C SER B 86 6.78 23.13 -2.52
N LEU B 87 5.67 22.42 -2.47
CA LEU B 87 5.61 21.19 -1.68
C LEU B 87 6.64 20.20 -2.25
N HIS B 88 6.68 20.08 -3.57
CA HIS B 88 7.64 19.20 -4.21
C HIS B 88 9.06 19.69 -3.92
N ALA B 89 9.25 21.00 -3.97
CA ALA B 89 10.57 21.56 -3.69
C ALA B 89 10.97 21.27 -2.25
N ALA B 90 10.03 21.42 -1.32
CA ALA B 90 10.30 21.16 0.08
C ALA B 90 10.70 19.70 0.27
N ASP B 91 9.96 18.84 -0.42
CA ASP B 91 10.20 17.40 -0.38
C ASP B 91 11.61 17.07 -0.84
N VAL B 92 12.01 17.62 -1.98
CA VAL B 92 13.34 17.35 -2.53
C VAL B 92 14.45 17.91 -1.64
N ALA B 93 14.19 19.05 -1.01
CA ALA B 93 15.16 19.66 -0.12
C ALA B 93 15.35 18.77 1.11
N GLN B 94 14.24 18.33 1.68
CA GLN B 94 14.30 17.47 2.87
C GLN B 94 14.89 16.10 2.54
N SER B 95 14.59 15.58 1.35
CA SER B 95 15.11 14.28 0.93
C SER B 95 16.61 14.39 0.74
N THR B 96 17.05 15.53 0.24
CA THR B 96 18.47 15.77 0.03
C THR B 96 19.15 15.89 1.39
N HIS B 97 18.46 16.52 2.36
CA HIS B 97 18.99 16.68 3.70
C HIS B 97 19.27 15.30 4.31
N VAL B 98 18.31 14.39 4.17
CA VAL B 98 18.45 13.02 4.68
C VAL B 98 19.58 12.27 3.97
N LEU B 99 19.62 12.35 2.64
CA LEU B 99 20.66 11.66 1.87
C LEU B 99 22.07 12.14 2.21
N LEU B 100 22.18 13.42 2.57
CA LEU B 100 23.48 13.99 2.92
C LEU B 100 23.98 13.39 4.24
N SER B 101 23.05 12.89 5.05
CA SER B 101 23.41 12.30 6.34
C SER B 101 23.54 10.77 6.27
N THR B 102 23.49 10.20 5.07
CA THR B 102 23.62 8.76 4.92
C THR B 102 24.99 8.38 5.48
N PRO B 103 25.06 7.36 6.34
CA PRO B 103 26.31 6.90 6.96
C PRO B 103 27.51 6.71 6.02
N ALA B 104 27.26 6.18 4.84
CA ALA B 104 28.34 5.96 3.87
C ALA B 104 29.00 7.25 3.38
N LEU B 105 28.40 8.39 3.71
CA LEU B 105 28.95 9.68 3.28
C LEU B 105 29.21 10.59 4.48
N ASP B 106 29.42 10.00 5.65
CA ASP B 106 29.67 10.78 6.86
C ASP B 106 30.97 11.59 6.73
N ALA B 107 30.87 12.88 7.05
CA ALA B 107 32.01 13.79 6.99
C ALA B 107 32.75 13.80 5.65
N VAL B 108 32.03 13.55 4.56
CA VAL B 108 32.65 13.54 3.25
C VAL B 108 32.55 14.89 2.53
N PHE B 109 31.52 15.66 2.86
CA PHE B 109 31.31 16.96 2.22
C PHE B 109 31.53 18.18 3.12
N THR B 110 32.12 19.23 2.54
CA THR B 110 32.38 20.47 3.26
C THR B 110 31.06 21.17 3.54
N ASP B 111 31.06 22.14 4.44
CA ASP B 111 29.84 22.86 4.76
C ASP B 111 29.33 23.63 3.53
N LEU B 112 30.23 23.94 2.60
CA LEU B 112 29.84 24.68 1.40
C LEU B 112 29.13 23.75 0.42
N GLU B 113 29.66 22.53 0.26
CA GLU B 113 29.06 21.57 -0.65
C GLU B 113 27.69 21.17 -0.13
N ILE B 114 27.54 21.16 1.19
CA ILE B 114 26.28 20.82 1.83
C ILE B 114 25.27 21.94 1.58
N LEU B 115 25.75 23.17 1.71
CA LEU B 115 24.90 24.35 1.49
C LEU B 115 24.43 24.35 0.03
N ALA B 116 25.39 24.14 -0.87
CA ALA B 116 25.10 24.12 -2.31
C ALA B 116 24.04 23.08 -2.69
N ALA B 117 24.18 21.85 -2.19
CA ALA B 117 23.23 20.79 -2.50
C ALA B 117 21.81 21.07 -2.00
N ILE B 118 21.69 21.54 -0.77
CA ILE B 118 20.37 21.83 -0.22
C ILE B 118 19.72 23.02 -0.92
N PHE B 119 20.51 24.05 -1.21
CA PHE B 119 20.02 25.24 -1.91
C PHE B 119 19.54 24.82 -3.31
N ALA B 120 20.38 24.05 -4.01
CA ALA B 120 20.03 23.59 -5.35
C ALA B 120 18.70 22.86 -5.36
N ALA B 121 18.48 22.00 -4.37
CA ALA B 121 17.24 21.25 -4.27
C ALA B 121 16.06 22.19 -4.05
N ALA B 122 16.25 23.20 -3.21
CA ALA B 122 15.19 24.14 -2.93
C ALA B 122 14.77 24.98 -4.14
N ILE B 123 15.73 25.33 -5.00
CA ILE B 123 15.42 26.15 -6.17
C ILE B 123 15.32 25.39 -7.49
N HIS B 124 15.55 24.08 -7.48
CA HIS B 124 15.57 23.34 -8.74
C HIS B 124 14.35 23.39 -9.66
N ASP B 125 13.17 23.70 -9.14
CA ASP B 125 11.96 23.80 -9.97
C ASP B 125 11.25 25.16 -9.81
N VAL B 126 11.94 26.17 -9.31
CA VAL B 126 11.28 27.47 -9.10
C VAL B 126 10.71 28.12 -10.37
N ASP B 127 9.49 28.62 -10.25
CA ASP B 127 8.78 29.27 -11.36
C ASP B 127 8.45 28.29 -12.50
N HIS B 128 8.22 27.03 -12.13
CA HIS B 128 7.86 25.98 -13.11
C HIS B 128 6.43 26.27 -13.55
N PRO B 129 6.19 26.35 -14.87
CA PRO B 129 4.87 26.62 -15.47
C PRO B 129 3.92 25.44 -15.49
N GLY B 130 4.40 24.25 -15.18
CA GLY B 130 3.52 23.10 -15.18
C GLY B 130 3.42 22.43 -16.54
N VAL B 131 4.36 22.74 -17.44
CA VAL B 131 4.41 22.12 -18.76
C VAL B 131 5.86 21.73 -19.01
N SER B 132 6.07 20.81 -19.93
CA SER B 132 7.41 20.31 -20.26
C SER B 132 8.23 21.25 -21.12
N ASN B 133 9.53 20.99 -21.18
CA ASN B 133 10.42 21.79 -22.01
C ASN B 133 9.92 21.71 -23.45
N GLN B 134 9.49 20.50 -23.84
CA GLN B 134 9.00 20.29 -25.20
C GLN B 134 7.78 21.13 -25.51
N PHE B 135 6.90 21.31 -24.52
CA PHE B 135 5.72 22.13 -24.73
C PHE B 135 6.15 23.57 -25.03
N LEU B 136 7.15 24.05 -24.28
CA LEU B 136 7.66 25.41 -24.45
C LEU B 136 8.34 25.56 -25.80
N ILE B 137 9.07 24.53 -26.22
CA ILE B 137 9.75 24.57 -27.50
C ILE B 137 8.77 24.57 -28.66
N ASN B 138 7.71 23.77 -28.55
CA ASN B 138 6.70 23.68 -29.60
C ASN B 138 5.81 24.92 -29.75
N THR B 139 5.56 25.63 -28.66
CA THR B 139 4.72 26.83 -28.70
C THR B 139 5.53 28.10 -28.98
N ASN B 140 6.82 27.92 -29.25
CA ASN B 140 7.71 29.04 -29.53
C ASN B 140 7.77 30.08 -28.41
N SER B 141 7.66 29.63 -27.16
CA SER B 141 7.71 30.54 -26.02
C SER B 141 9.02 31.32 -26.02
N GLU B 142 9.00 32.53 -25.49
CA GLU B 142 10.23 33.32 -25.48
C GLU B 142 11.29 32.65 -24.62
N LEU B 143 10.87 31.83 -23.65
CA LEU B 143 11.80 31.16 -22.78
C LEU B 143 12.66 30.19 -23.58
N ALA B 144 12.03 29.43 -24.48
CA ALA B 144 12.77 28.48 -25.31
C ALA B 144 13.71 29.20 -26.28
N LEU B 145 13.27 30.33 -26.80
CA LEU B 145 14.11 31.09 -27.73
C LEU B 145 15.31 31.71 -27.00
N MET B 146 15.10 32.09 -25.74
CA MET B 146 16.17 32.69 -24.96
C MET B 146 17.26 31.66 -24.65
N TYR B 147 16.83 30.44 -24.34
CA TYR B 147 17.74 29.35 -23.99
C TYR B 147 18.09 28.36 -25.10
N ASN B 148 17.77 28.73 -26.32
CA ASN B 148 18.08 27.89 -27.47
C ASN B 148 17.64 26.43 -27.34
N ASP B 149 16.42 26.23 -26.86
CA ASP B 149 15.80 24.91 -26.69
C ASP B 149 16.55 23.89 -25.81
N GLU B 150 17.68 24.29 -25.24
CA GLU B 150 18.48 23.38 -24.40
C GLU B 150 18.23 23.58 -22.90
N SER B 151 17.75 22.54 -22.23
CA SER B 151 17.44 22.59 -20.79
C SER B 151 16.75 23.90 -20.47
N VAL B 152 15.71 24.21 -21.23
CA VAL B 152 14.98 25.46 -21.07
C VAL B 152 14.55 25.80 -19.64
N LEU B 153 13.73 24.94 -19.05
CA LEU B 153 13.27 25.18 -17.68
C LEU B 153 14.36 25.15 -16.61
N GLU B 154 15.28 24.19 -16.73
CA GLU B 154 16.36 24.06 -15.77
C GLU B 154 17.25 25.31 -15.73
N ASN B 155 17.50 25.89 -16.89
CA ASN B 155 18.30 27.11 -16.98
C ASN B 155 17.52 28.25 -16.32
N HIS B 156 16.21 28.27 -16.53
CA HIS B 156 15.34 29.29 -15.95
C HIS B 156 15.25 29.17 -14.43
N HIS B 157 15.10 27.93 -13.92
CA HIS B 157 15.03 27.72 -12.48
C HIS B 157 16.25 28.35 -11.83
N LEU B 158 17.41 28.13 -12.43
CA LEU B 158 18.67 28.67 -11.93
C LEU B 158 18.72 30.19 -12.02
N ALA B 159 18.35 30.75 -13.16
CA ALA B 159 18.38 32.20 -13.34
C ALA B 159 17.50 32.90 -12.30
N VAL B 160 16.32 32.35 -12.07
CA VAL B 160 15.39 32.92 -11.09
C VAL B 160 15.91 32.75 -9.66
N GLY B 161 16.37 31.54 -9.34
CA GLY B 161 16.88 31.31 -8.00
C GLY B 161 18.00 32.27 -7.62
N PHE B 162 18.91 32.53 -8.54
CA PHE B 162 20.02 33.44 -8.27
C PHE B 162 19.61 34.91 -8.37
N LYS B 163 18.71 35.21 -9.29
CA LYS B 163 18.26 36.60 -9.48
C LYS B 163 17.52 37.08 -8.23
N LEU B 164 16.71 36.22 -7.64
CA LEU B 164 15.96 36.61 -6.46
C LEU B 164 16.85 36.99 -5.27
N LEU B 165 18.14 36.69 -5.36
CA LEU B 165 19.08 37.04 -4.29
C LEU B 165 19.24 38.56 -4.29
N GLN B 166 18.93 39.18 -5.43
CA GLN B 166 19.06 40.62 -5.58
C GLN B 166 17.89 41.45 -5.06
N GLU B 167 16.80 40.80 -4.67
CA GLU B 167 15.69 41.58 -4.15
C GLU B 167 16.03 42.08 -2.74
N GLU B 168 15.18 42.94 -2.20
CA GLU B 168 15.43 43.52 -0.88
C GLU B 168 15.65 42.49 0.23
N HIS B 169 16.81 42.58 0.89
CA HIS B 169 17.17 41.69 2.00
C HIS B 169 17.16 40.20 1.68
N CYS B 170 17.50 39.83 0.45
CA CYS B 170 17.47 38.43 0.07
C CYS B 170 18.83 37.80 -0.20
N ASP B 171 19.91 38.56 -0.06
CA ASP B 171 21.23 38.00 -0.33
C ASP B 171 21.78 37.12 0.79
N ILE B 172 21.38 35.86 0.80
CA ILE B 172 21.84 34.95 1.83
C ILE B 172 23.31 34.55 1.65
N PHE B 173 23.93 34.99 0.55
CA PHE B 173 25.33 34.65 0.31
C PHE B 173 26.25 35.84 0.49
N MET B 174 25.69 36.96 0.94
CA MET B 174 26.45 38.19 1.15
C MET B 174 27.75 37.99 1.93
N ASN B 175 27.67 37.21 3.01
CA ASN B 175 28.84 36.99 3.86
C ASN B 175 29.78 35.83 3.50
N LEU B 176 29.61 35.24 2.31
CA LEU B 176 30.51 34.18 1.89
C LEU B 176 31.68 34.88 1.21
N THR B 177 32.88 34.30 1.30
CA THR B 177 34.03 34.92 0.64
C THR B 177 33.73 34.92 -0.86
N LYS B 178 34.50 35.67 -1.63
CA LYS B 178 34.29 35.72 -3.06
C LYS B 178 34.51 34.35 -3.69
N LYS B 179 35.50 33.63 -3.17
CA LYS B 179 35.84 32.30 -3.66
C LYS B 179 34.72 31.31 -3.33
N GLN B 180 34.14 31.44 -2.15
CA GLN B 180 33.06 30.55 -1.74
C GLN B 180 31.83 30.73 -2.62
N ARG B 181 31.55 31.97 -3.02
CA ARG B 181 30.40 32.24 -3.86
C ARG B 181 30.61 31.67 -5.26
N GLN B 182 31.83 31.80 -5.77
CA GLN B 182 32.15 31.27 -7.10
C GLN B 182 32.04 29.75 -7.12
N THR B 183 32.58 29.10 -6.09
CA THR B 183 32.54 27.65 -6.01
C THR B 183 31.11 27.14 -5.84
N LEU B 184 30.35 27.78 -4.96
CA LEU B 184 28.98 27.36 -4.73
C LEU B 184 28.13 27.53 -5.98
N ARG B 185 28.28 28.68 -6.63
CA ARG B 185 27.53 28.95 -7.84
C ARG B 185 27.81 27.88 -8.88
N LYS B 186 29.08 27.51 -9.02
CA LYS B 186 29.47 26.47 -9.98
C LYS B 186 28.78 25.15 -9.65
N MET B 187 28.78 24.79 -8.37
CA MET B 187 28.17 23.53 -7.94
C MET B 187 26.66 23.51 -8.08
N VAL B 188 25.99 24.58 -7.68
CA VAL B 188 24.54 24.66 -7.77
C VAL B 188 24.06 24.55 -9.21
N ILE B 189 24.76 25.22 -10.12
CA ILE B 189 24.40 25.19 -11.53
C ILE B 189 24.52 23.75 -12.04
N ASP B 190 25.63 23.12 -11.70
CA ASP B 190 25.90 21.74 -12.10
C ASP B 190 24.76 20.81 -11.64
N MET B 191 24.38 20.91 -10.37
CA MET B 191 23.33 20.06 -9.83
C MET B 191 21.95 20.32 -10.42
N VAL B 192 21.55 21.59 -10.56
CA VAL B 192 20.24 21.87 -11.12
C VAL B 192 20.14 21.44 -12.57
N LEU B 193 21.18 21.72 -13.37
CA LEU B 193 21.15 21.33 -14.77
C LEU B 193 21.07 19.81 -14.90
N ALA B 194 21.54 19.09 -13.89
CA ALA B 194 21.53 17.63 -13.89
C ALA B 194 20.13 17.07 -13.64
N THR B 195 19.18 17.91 -13.28
CA THR B 195 17.82 17.42 -13.03
C THR B 195 17.02 17.31 -14.33
N ASP B 196 17.64 17.71 -15.43
CA ASP B 196 17.02 17.63 -16.76
C ASP B 196 17.01 16.15 -17.12
N MET B 197 15.81 15.58 -17.25
CA MET B 197 15.67 14.16 -17.57
C MET B 197 16.36 13.71 -18.85
N SER B 198 16.78 14.67 -19.68
CA SER B 198 17.45 14.31 -20.92
C SER B 198 18.91 13.95 -20.62
N LYS B 199 19.33 14.25 -19.39
CA LYS B 199 20.71 13.96 -18.98
C LYS B 199 20.76 12.71 -18.08
N HIS B 200 19.60 12.14 -17.79
CA HIS B 200 19.51 10.97 -16.93
C HIS B 200 20.43 9.81 -17.30
N MET B 201 20.29 9.29 -18.52
CA MET B 201 21.10 8.16 -18.95
C MET B 201 22.61 8.36 -18.76
N SER B 202 23.10 9.52 -19.17
CA SER B 202 24.52 9.82 -19.04
C SER B 202 24.91 9.96 -17.57
N LEU B 203 24.00 10.50 -16.77
CA LEU B 203 24.25 10.69 -15.35
C LEU B 203 24.39 9.34 -14.67
N LEU B 204 23.53 8.40 -15.07
CA LEU B 204 23.52 7.05 -14.52
C LEU B 204 24.76 6.28 -14.94
N ALA B 205 25.05 6.33 -16.24
CA ALA B 205 26.22 5.64 -16.79
C ALA B 205 27.47 6.02 -16.01
N ASP B 206 27.68 7.32 -15.86
CA ASP B 206 28.86 7.81 -15.15
C ASP B 206 28.81 7.44 -13.67
N LEU B 207 27.62 7.28 -13.12
CA LEU B 207 27.49 6.93 -11.71
C LEU B 207 27.92 5.47 -11.47
N LYS B 208 27.60 4.61 -12.42
CA LYS B 208 27.97 3.20 -12.31
C LYS B 208 29.49 3.09 -12.44
N THR B 209 30.02 3.72 -13.49
CA THR B 209 31.44 3.73 -13.75
C THR B 209 32.21 4.17 -12.51
N MET B 210 31.55 4.96 -11.66
CA MET B 210 32.19 5.41 -10.43
C MET B 210 32.11 4.35 -9.34
N VAL B 211 30.91 3.84 -9.10
CA VAL B 211 30.72 2.82 -8.08
C VAL B 211 31.75 1.71 -8.25
N GLU B 212 32.19 1.48 -9.49
CA GLU B 212 33.18 0.45 -9.77
C GLU B 212 34.51 0.77 -9.09
N THR B 213 34.95 2.01 -9.20
CA THR B 213 36.22 2.44 -8.61
C THR B 213 36.06 2.85 -7.15
N LYS B 214 34.88 2.57 -6.60
CA LYS B 214 34.56 2.88 -5.21
C LYS B 214 35.73 2.62 -4.24
N LYS B 215 35.86 3.46 -3.22
CA LYS B 215 36.91 3.33 -2.22
C LYS B 215 36.40 3.85 -0.86
N VAL B 216 36.73 3.14 0.22
CA VAL B 216 36.27 3.55 1.55
C VAL B 216 37.38 3.86 2.56
N THR B 217 36.97 4.28 3.75
CA THR B 217 37.89 4.62 4.83
C THR B 217 38.03 3.47 5.83
N SER B 218 38.81 3.70 6.88
CA SER B 218 39.05 2.68 7.91
C SER B 218 37.78 2.35 8.69
N SER B 219 36.67 2.98 8.32
CA SER B 219 35.40 2.73 9.00
C SER B 219 34.32 2.37 7.99
N GLY B 220 34.73 2.16 6.75
CA GLY B 220 33.81 1.79 5.69
C GLY B 220 33.16 2.96 4.96
N VAL B 221 33.47 4.18 5.38
CA VAL B 221 32.91 5.37 4.76
C VAL B 221 33.52 5.64 3.39
N LEU B 222 32.71 6.13 2.46
CA LEU B 222 33.18 6.41 1.11
C LEU B 222 34.33 7.42 1.08
N LEU B 223 35.19 7.28 0.07
CA LEU B 223 36.35 8.16 -0.11
C LEU B 223 36.27 8.90 -1.44
N LEU B 224 36.07 10.21 -1.36
CA LEU B 224 35.98 11.05 -2.54
C LEU B 224 37.03 12.16 -2.45
N ASP B 225 38.25 11.83 -2.88
CA ASP B 225 39.37 12.78 -2.84
C ASP B 225 39.54 13.39 -4.22
N ASN B 226 38.58 14.23 -4.59
CA ASN B 226 38.58 14.88 -5.90
C ASN B 226 37.28 15.67 -6.04
N TYR B 227 37.38 16.89 -6.55
CA TYR B 227 36.17 17.71 -6.73
C TYR B 227 35.25 17.04 -7.75
N THR B 228 35.83 16.61 -8.87
CA THR B 228 35.06 15.96 -9.93
C THR B 228 34.24 14.81 -9.37
N ASP B 229 34.82 14.09 -8.41
CA ASP B 229 34.12 12.96 -7.80
C ASP B 229 33.00 13.43 -6.88
N ARG B 230 33.32 14.35 -5.99
CA ARG B 230 32.33 14.88 -5.05
C ARG B 230 31.11 15.49 -5.75
N ILE B 231 31.34 16.27 -6.80
CA ILE B 231 30.23 16.89 -7.50
C ILE B 231 29.42 15.86 -8.28
N GLN B 232 30.09 14.80 -8.72
CA GLN B 232 29.39 13.75 -9.47
C GLN B 232 28.38 13.06 -8.54
N VAL B 233 28.74 12.92 -7.28
CA VAL B 233 27.88 12.29 -6.29
C VAL B 233 26.74 13.22 -5.87
N LEU B 234 27.08 14.47 -5.58
CA LEU B 234 26.08 15.46 -5.17
C LEU B 234 25.06 15.63 -6.29
N ARG B 235 25.56 15.66 -7.51
CA ARG B 235 24.74 15.79 -8.71
C ARG B 235 23.73 14.64 -8.73
N ASN B 236 24.20 13.42 -8.52
CA ASN B 236 23.33 12.25 -8.51
C ASN B 236 22.43 12.23 -7.30
N MET B 237 22.96 12.66 -6.16
CA MET B 237 22.19 12.69 -4.93
C MET B 237 20.92 13.53 -5.10
N VAL B 238 21.09 14.75 -5.61
CA VAL B 238 19.95 15.64 -5.81
C VAL B 238 18.99 15.01 -6.80
N HIS B 239 19.53 14.37 -7.83
CA HIS B 239 18.72 13.71 -8.85
C HIS B 239 17.88 12.59 -8.23
N CYS B 240 18.47 11.83 -7.31
CA CYS B 240 17.73 10.75 -6.65
C CYS B 240 16.66 11.35 -5.74
N ALA B 241 17.01 12.42 -5.04
CA ALA B 241 16.06 13.09 -4.15
C ALA B 241 14.87 13.56 -4.97
N ASP B 242 15.17 14.07 -6.15
CA ASP B 242 14.16 14.58 -7.07
C ASP B 242 13.21 13.46 -7.51
N LEU B 243 13.78 12.28 -7.76
CA LEU B 243 12.98 11.13 -8.18
C LEU B 243 12.82 10.16 -7.02
N SER B 244 12.53 10.70 -5.85
CA SER B 244 12.40 9.88 -4.66
C SER B 244 10.98 9.52 -4.21
N ASN B 245 9.95 10.14 -4.76
CA ASN B 245 8.62 9.80 -4.26
C ASN B 245 8.21 8.32 -4.37
N PRO B 246 8.70 7.57 -5.38
CA PRO B 246 8.27 6.17 -5.43
C PRO B 246 8.97 5.34 -4.33
N THR B 247 9.96 5.94 -3.66
CA THR B 247 10.68 5.24 -2.59
C THR B 247 10.12 5.55 -1.21
N LYS B 248 9.08 6.38 -1.16
CA LYS B 248 8.48 6.75 0.11
C LYS B 248 7.33 5.80 0.43
N SER B 249 6.77 5.91 1.63
CA SER B 249 5.66 5.05 2.03
C SER B 249 4.56 5.16 0.98
N LEU B 250 3.83 4.08 0.76
CA LEU B 250 2.77 4.07 -0.24
C LEU B 250 1.80 5.22 -0.03
N GLU B 251 1.50 5.52 1.23
CA GLU B 251 0.59 6.61 1.57
C GLU B 251 1.01 7.91 0.90
N LEU B 252 2.31 8.21 1.02
CA LEU B 252 2.87 9.42 0.43
C LEU B 252 3.03 9.29 -1.08
N TYR B 253 3.58 8.16 -1.52
CA TYR B 253 3.78 7.95 -2.95
C TYR B 253 2.51 8.15 -3.75
N ARG B 254 1.39 7.61 -3.25
CA ARG B 254 0.12 7.77 -3.95
C ARG B 254 -0.31 9.23 -4.02
N GLN B 255 0.06 10.01 -3.02
CA GLN B 255 -0.30 11.42 -3.01
C GLN B 255 0.49 12.17 -4.08
N TRP B 256 1.73 11.77 -4.28
CA TRP B 256 2.58 12.38 -5.30
C TRP B 256 2.09 12.00 -6.70
N THR B 257 1.66 10.75 -6.88
CA THR B 257 1.20 10.31 -8.20
C THR B 257 -0.07 11.03 -8.64
N ASP B 258 -0.98 11.29 -7.69
CA ASP B 258 -2.21 12.01 -8.04
C ASP B 258 -1.82 13.36 -8.64
N ARG B 259 -0.87 14.02 -7.99
CA ARG B 259 -0.40 15.34 -8.42
C ARG B 259 0.31 15.28 -9.76
N ILE B 260 1.18 14.29 -9.92
CA ILE B 260 1.93 14.11 -11.16
C ILE B 260 0.97 13.90 -12.32
N MET B 261 -0.01 13.03 -12.12
CA MET B 261 -0.99 12.74 -13.15
C MET B 261 -1.89 13.95 -13.40
N GLU B 262 -2.25 14.67 -12.35
CA GLU B 262 -3.09 15.84 -12.50
C GLU B 262 -2.37 16.88 -13.35
N GLU B 263 -1.06 17.05 -13.12
CA GLU B 263 -0.30 18.02 -13.90
C GLU B 263 -0.17 17.56 -15.36
N PHE B 264 0.04 16.26 -15.57
CA PHE B 264 0.14 15.72 -16.92
C PHE B 264 -1.17 16.03 -17.65
N PHE B 265 -2.29 15.78 -16.97
CA PHE B 265 -3.60 16.04 -17.56
C PHE B 265 -3.84 17.53 -17.79
N GLN B 266 -3.22 18.38 -16.95
CA GLN B 266 -3.36 19.82 -17.12
C GLN B 266 -2.69 20.24 -18.42
N GLN B 267 -1.51 19.68 -18.70
CA GLN B 267 -0.81 20.02 -19.93
C GLN B 267 -1.65 19.51 -21.10
N GLY B 268 -2.22 18.32 -20.91
CA GLY B 268 -3.06 17.72 -21.94
C GLY B 268 -4.19 18.64 -22.32
N ASP B 269 -4.85 19.22 -21.33
CA ASP B 269 -5.95 20.14 -21.58
C ASP B 269 -5.43 21.35 -22.35
N LYS B 270 -4.29 21.89 -21.91
CA LYS B 270 -3.69 23.04 -22.56
C LYS B 270 -3.37 22.77 -24.03
N GLU B 271 -2.82 21.60 -24.32
CA GLU B 271 -2.49 21.24 -25.70
C GLU B 271 -3.76 21.16 -26.53
N ARG B 272 -4.83 20.65 -25.93
CA ARG B 272 -6.12 20.52 -26.60
C ARG B 272 -6.72 21.90 -26.86
N GLU B 273 -6.65 22.77 -25.86
CA GLU B 273 -7.19 24.11 -25.97
C GLU B 273 -6.49 24.91 -27.05
N ARG B 274 -5.21 24.66 -27.26
CA ARG B 274 -4.45 25.40 -28.26
C ARG B 274 -4.30 24.66 -29.59
N GLY B 275 -5.18 23.67 -29.80
CA GLY B 275 -5.14 22.91 -31.04
C GLY B 275 -3.86 22.13 -31.30
N MET B 276 -3.28 21.58 -30.25
CA MET B 276 -2.05 20.79 -30.37
C MET B 276 -2.43 19.33 -30.14
N GLU B 277 -1.68 18.41 -30.74
CA GLU B 277 -1.96 17.00 -30.54
C GLU B 277 -1.46 16.58 -29.15
N ILE B 278 -2.32 15.89 -28.40
CA ILE B 278 -2.01 15.44 -27.05
C ILE B 278 -0.69 14.66 -26.92
N SER B 279 0.02 14.89 -25.82
CA SER B 279 1.29 14.20 -25.56
C SER B 279 1.03 12.89 -24.82
N PRO B 280 2.07 12.06 -24.64
CA PRO B 280 1.94 10.78 -23.94
C PRO B 280 1.68 10.99 -22.45
N MET B 281 0.74 10.22 -21.90
CA MET B 281 0.36 10.30 -20.48
C MET B 281 -0.38 11.58 -20.14
N CYS B 282 -0.48 12.49 -21.09
CA CYS B 282 -1.18 13.75 -20.88
C CYS B 282 -2.65 13.62 -21.29
N ASP B 283 -2.96 12.54 -21.98
CA ASP B 283 -4.33 12.28 -22.43
C ASP B 283 -5.10 11.61 -21.30
N LYS B 284 -5.97 12.37 -20.64
CA LYS B 284 -6.75 11.85 -19.52
C LYS B 284 -7.86 10.89 -19.93
N HIS B 285 -7.66 10.20 -21.05
CA HIS B 285 -8.66 9.25 -21.53
C HIS B 285 -7.98 8.06 -22.20
N THR B 286 -6.65 8.04 -22.13
CA THR B 286 -5.85 6.96 -22.70
C THR B 286 -4.61 6.80 -21.83
N ALA B 287 -4.51 7.63 -20.80
CA ALA B 287 -3.37 7.59 -19.90
C ALA B 287 -3.62 6.66 -18.71
N SER B 288 -2.72 5.69 -18.56
CA SER B 288 -2.81 4.74 -17.47
C SER B 288 -1.84 5.15 -16.38
N VAL B 289 -2.37 5.57 -15.24
CA VAL B 289 -1.55 5.98 -14.12
C VAL B 289 -0.64 4.83 -13.68
N GLU B 290 -1.21 3.64 -13.58
CA GLU B 290 -0.46 2.45 -13.17
C GLU B 290 0.59 2.04 -14.19
N LYS B 291 0.24 2.00 -15.46
CA LYS B 291 1.20 1.62 -16.49
C LYS B 291 2.35 2.61 -16.51
N SER B 292 2.02 3.88 -16.31
CA SER B 292 3.02 4.94 -16.31
C SER B 292 4.00 4.83 -15.14
N GLN B 293 3.50 4.52 -13.96
CA GLN B 293 4.35 4.40 -12.78
C GLN B 293 5.30 3.21 -12.89
N VAL B 294 4.75 2.04 -13.20
CA VAL B 294 5.55 0.83 -13.33
C VAL B 294 6.62 1.05 -14.40
N GLY B 295 6.24 1.74 -15.47
CA GLY B 295 7.19 2.01 -16.54
C GLY B 295 8.25 2.98 -16.07
N PHE B 296 7.83 4.00 -15.33
CA PHE B 296 8.77 4.99 -14.82
C PHE B 296 9.71 4.35 -13.80
N ILE B 297 9.18 3.47 -12.97
CA ILE B 297 9.99 2.80 -11.96
C ILE B 297 10.99 1.86 -12.61
N ASP B 298 10.49 1.00 -13.50
CA ASP B 298 11.31 0.01 -14.18
C ASP B 298 12.45 0.60 -15.02
N TYR B 299 12.10 1.53 -15.90
CA TYR B 299 13.11 2.13 -16.77
C TYR B 299 13.93 3.28 -16.21
N ILE B 300 13.47 3.93 -15.16
CA ILE B 300 14.22 5.05 -14.62
C ILE B 300 14.52 5.06 -13.13
N VAL B 301 13.48 5.05 -12.31
CA VAL B 301 13.64 5.11 -10.87
C VAL B 301 14.43 3.96 -10.25
N HIS B 302 14.09 2.72 -10.62
CA HIS B 302 14.78 1.57 -10.06
C HIS B 302 16.25 1.47 -10.50
N PRO B 303 16.53 1.60 -11.80
CA PRO B 303 17.93 1.51 -12.23
C PRO B 303 18.79 2.56 -11.53
N LEU B 304 18.18 3.72 -11.25
CA LEU B 304 18.89 4.80 -10.60
C LEU B 304 19.17 4.50 -9.13
N TRP B 305 18.10 4.26 -8.38
CA TRP B 305 18.23 3.97 -6.95
C TRP B 305 19.02 2.70 -6.65
N GLU B 306 19.00 1.76 -7.58
CA GLU B 306 19.74 0.51 -7.39
C GLU B 306 21.23 0.85 -7.44
N THR B 307 21.60 1.75 -8.34
CA THR B 307 23.01 2.14 -8.45
C THR B 307 23.41 2.98 -7.24
N TRP B 308 22.50 3.83 -6.76
CA TRP B 308 22.79 4.63 -5.58
C TRP B 308 22.96 3.70 -4.38
N ALA B 309 21.99 2.80 -4.19
CA ALA B 309 22.03 1.86 -3.08
C ALA B 309 23.35 1.09 -3.10
N ASP B 310 23.86 0.88 -4.30
CA ASP B 310 25.12 0.18 -4.52
C ASP B 310 26.28 1.01 -3.97
N LEU B 311 26.29 2.28 -4.34
CA LEU B 311 27.33 3.21 -3.91
C LEU B 311 27.41 3.33 -2.38
N VAL B 312 26.27 3.38 -1.73
CA VAL B 312 26.24 3.51 -0.28
C VAL B 312 25.83 2.24 0.47
N GLN B 313 26.06 1.07 -0.12
CA GLN B 313 25.72 -0.21 0.51
C GLN B 313 26.07 -0.23 2.00
N PRO B 314 25.13 -0.62 2.87
CA PRO B 314 23.74 -1.06 2.65
C PRO B 314 22.75 0.00 3.12
N ASP B 315 23.22 1.24 3.20
CA ASP B 315 22.41 2.37 3.66
C ASP B 315 21.00 2.47 3.08
N ALA B 316 20.87 2.19 1.78
CA ALA B 316 19.57 2.33 1.11
C ALA B 316 18.78 1.05 0.83
N GLN B 317 18.99 -0.01 1.61
CA GLN B 317 18.25 -1.25 1.37
C GLN B 317 16.77 -1.10 1.64
N ASP B 318 16.42 -0.49 2.75
CA ASP B 318 15.00 -0.31 3.08
C ASP B 318 14.30 0.48 1.97
N ILE B 319 15.05 1.40 1.35
CA ILE B 319 14.51 2.22 0.27
C ILE B 319 14.15 1.36 -0.94
N LEU B 320 15.06 0.47 -1.34
CA LEU B 320 14.81 -0.40 -2.47
C LEU B 320 13.64 -1.34 -2.19
N ASP B 321 13.54 -1.83 -0.95
CA ASP B 321 12.44 -2.73 -0.59
C ASP B 321 11.11 -1.99 -0.72
N THR B 322 11.08 -0.75 -0.26
CA THR B 322 9.85 0.05 -0.34
C THR B 322 9.51 0.30 -1.81
N LEU B 323 10.53 0.64 -2.60
CA LEU B 323 10.34 0.91 -4.02
C LEU B 323 9.72 -0.30 -4.73
N GLU B 324 10.20 -1.48 -4.37
CA GLU B 324 9.69 -2.70 -4.98
C GLU B 324 8.25 -3.00 -4.57
N ASP B 325 7.91 -2.79 -3.31
CA ASP B 325 6.53 -3.03 -2.88
C ASP B 325 5.59 -2.06 -3.59
N ASN B 326 5.99 -0.79 -3.66
CA ASN B 326 5.18 0.24 -4.33
C ASN B 326 5.01 -0.10 -5.80
N ARG B 327 6.09 -0.57 -6.40
CA ARG B 327 6.08 -0.95 -7.80
C ARG B 327 5.03 -2.05 -8.00
N ASN B 328 5.03 -3.05 -7.13
CA ASN B 328 4.06 -4.15 -7.23
C ASN B 328 2.63 -3.67 -7.00
N TRP B 329 2.44 -2.65 -6.17
CA TRP B 329 1.10 -2.14 -5.89
C TRP B 329 0.43 -1.61 -7.16
N TYR B 330 1.21 -0.94 -8.00
CA TYR B 330 0.67 -0.40 -9.25
C TYR B 330 0.60 -1.49 -10.32
N GLN B 331 1.52 -2.44 -10.24
CA GLN B 331 1.57 -3.55 -11.18
C GLN B 331 0.26 -4.33 -11.13
N SER B 332 -0.29 -4.48 -9.92
CA SER B 332 -1.53 -5.20 -9.73
C SER B 332 -2.70 -4.55 -10.45
N MET B 333 -2.53 -3.29 -10.85
CA MET B 333 -3.58 -2.57 -11.55
C MET B 333 -3.50 -2.70 -13.07
N ILE B 334 -2.45 -3.36 -13.54
CA ILE B 334 -2.26 -3.58 -14.98
C ILE B 334 -2.91 -4.92 -15.29
N PRO B 335 -4.04 -4.89 -16.02
CA PRO B 335 -4.85 -6.05 -16.43
C PRO B 335 -4.28 -7.07 -17.41
N GLN B 336 -5.19 -7.89 -17.94
CA GLN B 336 -4.94 -8.95 -18.90
C GLN B 336 -3.48 -9.14 -19.31
N ALA B 337 -2.81 -10.05 -18.62
CA ALA B 337 -1.40 -10.35 -18.90
C ALA B 337 -1.19 -11.86 -18.71
N PRO B 338 -0.19 -12.43 -19.40
CA PRO B 338 0.11 -13.87 -19.29
C PRO B 338 0.30 -14.34 -17.85
ZN ZN C . -15.79 -20.04 1.92
ZN ZN D . -19.31 -22.48 1.18
P AMP E . -17.85 -19.84 0.00
O1P AMP E . -18.33 -19.93 1.42
O2P AMP E . -16.36 -19.85 0.01
O3P AMP E . -18.37 -20.99 -0.70
O5' AMP E . -18.29 -18.52 -0.74
C5' AMP E . -19.66 -18.37 -1.14
C4' AMP E . -19.76 -18.16 -2.67
O4' AMP E . -19.32 -16.87 -3.02
C3' AMP E . -18.81 -19.08 -3.41
O3' AMP E . -19.40 -20.37 -3.56
C2' AMP E . -18.55 -18.38 -4.72
O2' AMP E . -19.43 -18.85 -5.74
C1' AMP E . -18.85 -16.90 -4.37
N9 AMP E . -17.68 -15.97 -4.47
C8 AMP E . -16.67 -15.70 -3.58
N7 AMP E . -15.78 -14.78 -4.03
C5 AMP E . -16.21 -14.43 -5.29
C6 AMP E . -15.77 -13.56 -6.29
N6 AMP E . -14.66 -12.82 -6.12
N1 AMP E . -16.46 -13.43 -7.52
C2 AMP E . -17.62 -14.18 -7.73
N3 AMP E . -18.12 -15.06 -6.79
C4 AMP E . -17.42 -15.18 -5.58
ZN ZN F . 11.68 18.39 -9.20
ZN ZN G . 12.62 19.82 -13.17
P AMP H . 11.35 17.31 -11.72
O1P AMP H . 10.82 18.20 -12.84
O2P AMP H . 12.73 17.79 -11.41
O3P AMP H . 10.52 17.43 -10.58
O5' AMP H . 11.36 15.79 -12.10
C5' AMP H . 11.77 15.38 -13.41
C4' AMP H . 10.59 14.69 -14.14
O4' AMP H . 10.31 13.45 -13.50
C3' AMP H . 9.31 15.48 -13.95
O3' AMP H . 9.22 16.50 -14.94
C2' AMP H . 8.21 14.46 -14.05
O2' AMP H . 7.63 14.45 -15.35
C1' AMP H . 8.94 13.13 -13.73
N9 AMP H . 8.42 12.39 -12.55
C8 AMP H . 8.72 12.51 -11.22
N7 AMP H . 8.05 11.66 -10.41
C5 AMP H . 7.25 10.91 -11.26
C6 AMP H . 6.33 9.87 -11.11
N6 AMP H . 6.03 9.37 -9.90
N1 AMP H . 5.66 9.30 -12.21
C2 AMP H . 5.92 9.78 -13.49
N3 AMP H . 6.82 10.79 -13.73
C4 AMP H . 7.48 11.35 -12.62
#